data_2L54
#
_entry.id   2L54
#
_entity_poly.entity_id   1
_entity_poly.type   'polypeptide(L)'
_entity_poly.pdbx_seq_one_letter_code
;YQDQEQRILKFLEELGEGKATTAHDLSGKLGTPKKEIARVLASLAKKGKLQKEAGTPPLWKIA
;
_entity_poly.pdbx_strand_id   A
#
# COMPACT_ATOMS: atom_id res chain seq x y z
N TYR A 1 6.69 9.73 7.14
CA TYR A 1 5.85 10.18 8.24
C TYR A 1 6.04 9.31 9.48
N GLN A 2 5.36 9.66 10.56
CA GLN A 2 5.45 8.90 11.80
C GLN A 2 5.39 7.40 11.54
N ASP A 3 5.44 6.61 12.60
CA ASP A 3 5.40 5.15 12.48
C ASP A 3 4.50 4.74 11.32
N GLN A 4 3.41 5.48 11.11
CA GLN A 4 2.48 5.19 10.04
C GLN A 4 3.21 4.90 8.73
N GLU A 5 4.17 5.76 8.40
CA GLU A 5 4.95 5.61 7.18
C GLU A 5 6.00 4.52 7.34
N GLN A 6 6.64 4.49 8.50
CA GLN A 6 7.67 3.49 8.78
C GLN A 6 7.11 2.08 8.66
N ARG A 7 5.80 1.95 8.92
CA ARG A 7 5.15 0.65 8.83
C ARG A 7 4.90 0.25 7.39
N ILE A 8 4.13 1.07 6.67
CA ILE A 8 3.82 0.80 5.28
C ILE A 8 5.09 0.59 4.46
N LEU A 9 6.13 1.35 4.78
CA LEU A 9 7.40 1.25 4.08
C LEU A 9 8.06 -0.10 4.33
N LYS A 10 8.07 -0.51 5.59
CA LYS A 10 8.67 -1.79 5.97
C LYS A 10 7.82 -2.95 5.47
N PHE A 11 6.55 -2.68 5.19
CA PHE A 11 5.64 -3.71 4.70
C PHE A 11 6.02 -4.15 3.29
N LEU A 12 6.09 -3.20 2.38
CA LEU A 12 6.45 -3.49 1.00
C LEU A 12 7.86 -4.05 0.91
N GLU A 13 8.76 -3.53 1.75
CA GLU A 13 10.15 -3.99 1.77
C GLU A 13 10.27 -5.35 2.43
N GLU A 14 9.23 -5.73 3.19
CA GLU A 14 9.22 -7.00 3.90
C GLU A 14 8.87 -8.14 2.94
N LEU A 15 8.29 -7.79 1.80
CA LEU A 15 7.91 -8.78 0.80
C LEU A 15 8.76 -8.65 -0.46
N GLY A 16 9.20 -7.43 -0.75
CA GLY A 16 10.02 -7.19 -1.92
C GLY A 16 10.05 -5.73 -2.33
N GLU A 17 11.22 -5.11 -2.22
CA GLU A 17 11.38 -3.70 -2.57
C GLU A 17 11.26 -3.51 -4.08
N GLY A 18 10.40 -2.59 -4.48
CA GLY A 18 10.21 -2.32 -5.90
C GLY A 18 9.13 -3.18 -6.51
N LYS A 19 8.26 -3.73 -5.67
CA LYS A 19 7.18 -4.58 -6.15
C LYS A 19 5.83 -4.05 -5.68
N ALA A 20 4.76 -4.78 -5.98
CA ALA A 20 3.42 -4.39 -5.59
C ALA A 20 2.90 -5.27 -4.46
N THR A 21 1.69 -4.96 -3.99
CA THR A 21 1.07 -5.72 -2.91
C THR A 21 -0.45 -5.68 -3.00
N THR A 22 -1.11 -6.49 -2.17
CA THR A 22 -2.57 -6.55 -2.17
C THR A 22 -3.12 -6.11 -0.82
N ALA A 23 -4.40 -5.74 -0.81
CA ALA A 23 -5.06 -5.31 0.42
C ALA A 23 -5.04 -6.41 1.48
N HIS A 24 -5.39 -7.62 1.06
CA HIS A 24 -5.42 -8.76 1.96
C HIS A 24 -4.10 -8.89 2.72
N ASP A 25 -3.01 -8.50 2.07
CA ASP A 25 -1.68 -8.58 2.68
C ASP A 25 -1.44 -7.37 3.58
N LEU A 26 -1.98 -6.22 3.18
CA LEU A 26 -1.82 -4.99 3.94
C LEU A 26 -2.58 -5.06 5.26
N SER A 27 -3.90 -5.14 5.17
CA SER A 27 -4.74 -5.22 6.36
C SER A 27 -4.38 -6.43 7.21
N GLY A 28 -3.79 -7.43 6.57
CA GLY A 28 -3.40 -8.64 7.27
C GLY A 28 -2.20 -8.42 8.17
N LYS A 29 -1.14 -7.87 7.60
CA LYS A 29 0.09 -7.61 8.35
C LYS A 29 -0.06 -6.37 9.22
N LEU A 30 -0.39 -5.25 8.58
CA LEU A 30 -0.58 -3.99 9.29
C LEU A 30 -1.73 -4.07 10.28
N GLY A 31 -2.62 -5.03 10.06
CA GLY A 31 -3.76 -5.21 10.95
C GLY A 31 -4.70 -4.03 10.91
N THR A 32 -4.62 -3.22 9.87
CA THR A 32 -5.47 -2.05 9.73
C THR A 32 -6.67 -2.35 8.83
N PRO A 33 -7.72 -1.53 8.96
CA PRO A 33 -8.96 -1.69 8.18
C PRO A 33 -8.75 -1.36 6.70
N LYS A 34 -9.52 -2.00 5.84
CA LYS A 34 -9.43 -1.75 4.40
C LYS A 34 -9.76 -0.31 4.07
N LYS A 35 -10.55 0.33 4.92
CA LYS A 35 -10.94 1.72 4.72
C LYS A 35 -9.75 2.65 4.91
N GLU A 36 -8.83 2.25 5.78
CA GLU A 36 -7.64 3.04 6.06
C GLU A 36 -6.61 2.92 4.95
N ILE A 37 -6.20 1.69 4.67
CA ILE A 37 -5.22 1.42 3.63
C ILE A 37 -5.68 1.99 2.29
N ALA A 38 -6.99 1.94 2.05
CA ALA A 38 -7.56 2.45 0.81
C ALA A 38 -7.54 3.98 0.78
N ARG A 39 -7.53 4.59 1.97
CA ARG A 39 -7.51 6.04 2.09
C ARG A 39 -6.11 6.58 1.85
N VAL A 40 -5.14 6.10 2.64
CA VAL A 40 -3.76 6.54 2.52
C VAL A 40 -3.23 6.28 1.11
N LEU A 41 -3.72 5.22 0.48
CA LEU A 41 -3.28 4.87 -0.86
C LEU A 41 -3.71 5.94 -1.87
N ALA A 42 -4.95 6.40 -1.75
CA ALA A 42 -5.47 7.43 -2.63
C ALA A 42 -4.97 8.81 -2.24
N SER A 43 -4.63 8.97 -0.96
CA SER A 43 -4.13 10.24 -0.46
C SER A 43 -2.68 10.46 -0.85
N LEU A 44 -1.90 9.38 -0.81
CA LEU A 44 -0.48 9.46 -1.16
C LEU A 44 -0.30 9.59 -2.67
N ALA A 45 -1.16 8.91 -3.43
CA ALA A 45 -1.10 8.97 -4.88
C ALA A 45 -1.31 10.39 -5.39
N LYS A 46 -1.87 11.24 -4.53
CA LYS A 46 -2.12 12.63 -4.90
C LYS A 46 -0.86 13.29 -5.43
N LYS A 47 0.28 12.93 -4.84
CA LYS A 47 1.56 13.50 -5.26
C LYS A 47 2.10 12.76 -6.49
N GLY A 48 1.62 11.54 -6.71
CA GLY A 48 2.07 10.77 -7.84
C GLY A 48 3.13 9.74 -7.47
N LYS A 49 3.27 9.49 -6.17
CA LYS A 49 4.25 8.53 -5.68
C LYS A 49 3.60 7.16 -5.45
N LEU A 50 2.29 7.16 -5.26
CA LEU A 50 1.55 5.92 -5.03
C LEU A 50 0.77 5.50 -6.28
N GLN A 51 0.40 4.23 -6.34
CA GLN A 51 -0.34 3.71 -7.48
C GLN A 51 -1.25 2.56 -7.06
N LYS A 52 -2.37 2.40 -7.75
CA LYS A 52 -3.32 1.34 -7.45
C LYS A 52 -3.79 0.65 -8.73
N GLU A 53 -3.30 -0.57 -8.96
CA GLU A 53 -3.66 -1.34 -10.15
C GLU A 53 -5.14 -1.74 -10.09
N ALA A 54 -5.99 -0.92 -10.68
CA ALA A 54 -7.43 -1.20 -10.70
C ALA A 54 -7.84 -1.84 -12.02
N GLY A 55 -7.51 -3.11 -12.18
CA GLY A 55 -7.86 -3.82 -13.39
C GLY A 55 -7.94 -5.32 -13.19
N THR A 56 -7.48 -6.08 -14.18
CA THR A 56 -7.50 -7.53 -14.11
C THR A 56 -6.86 -8.02 -12.81
N PRO A 57 -5.56 -7.76 -12.65
CA PRO A 57 -4.81 -8.17 -11.47
C PRO A 57 -5.22 -7.39 -10.22
N PRO A 58 -5.88 -8.07 -9.28
CA PRO A 58 -6.35 -7.47 -8.03
C PRO A 58 -5.19 -7.11 -7.10
N LEU A 59 -4.69 -5.90 -7.22
CA LEU A 59 -3.58 -5.44 -6.38
C LEU A 59 -3.24 -3.98 -6.68
N TRP A 60 -2.43 -3.38 -5.81
CA TRP A 60 -2.02 -1.99 -5.98
C TRP A 60 -0.74 -1.88 -6.80
N LYS A 61 -0.17 -0.68 -6.86
CA LYS A 61 1.06 -0.45 -7.60
C LYS A 61 1.96 0.54 -6.86
N ILE A 62 3.20 0.65 -7.33
CA ILE A 62 4.16 1.57 -6.72
C ILE A 62 4.60 2.64 -7.71
N ALA A 63 4.79 3.85 -7.21
CA ALA A 63 5.22 4.97 -8.05
C ALA A 63 6.39 5.71 -7.41
N TYR A 1 6.91 9.83 6.74
CA TYR A 1 6.03 10.38 7.77
C TYR A 1 6.12 9.54 9.05
N GLN A 2 5.39 9.97 10.07
CA GLN A 2 5.39 9.26 11.35
C GLN A 2 5.26 7.76 11.14
N ASP A 3 5.21 7.01 12.23
CA ASP A 3 5.09 5.56 12.17
C ASP A 3 4.25 5.14 10.96
N GLN A 4 3.21 5.92 10.67
CA GLN A 4 2.32 5.63 9.55
C GLN A 4 3.13 5.25 8.31
N GLU A 5 4.14 6.05 8.00
CA GLU A 5 4.99 5.80 6.83
C GLU A 5 5.97 4.67 7.12
N GLN A 6 6.48 4.61 8.35
CA GLN A 6 7.42 3.58 8.74
C GLN A 6 6.81 2.20 8.61
N ARG A 7 5.49 2.12 8.82
CA ARG A 7 4.78 0.84 8.73
C ARG A 7 4.58 0.43 7.28
N ILE A 8 3.86 1.27 6.52
CA ILE A 8 3.60 0.98 5.11
C ILE A 8 4.90 0.74 4.36
N LEU A 9 5.95 1.46 4.73
CA LEU A 9 7.25 1.31 4.08
C LEU A 9 7.84 -0.07 4.35
N LYS A 10 7.80 -0.49 5.62
CA LYS A 10 8.33 -1.78 6.01
C LYS A 10 7.48 -2.92 5.43
N PHE A 11 6.22 -2.60 5.10
CA PHE A 11 5.31 -3.59 4.54
C PHE A 11 5.76 -4.01 3.14
N LEU A 12 5.86 -3.05 2.24
CA LEU A 12 6.28 -3.33 0.87
C LEU A 12 7.68 -3.94 0.85
N GLU A 13 8.54 -3.48 1.74
CA GLU A 13 9.90 -3.99 1.82
C GLU A 13 9.93 -5.37 2.48
N GLU A 14 8.85 -5.71 3.17
CA GLU A 14 8.75 -7.00 3.84
C GLU A 14 8.33 -8.09 2.87
N LEU A 15 7.79 -7.68 1.73
CA LEU A 15 7.33 -8.63 0.71
C LEU A 15 8.22 -8.57 -0.52
N GLY A 16 8.74 -7.38 -0.81
CA GLY A 16 9.61 -7.21 -1.97
C GLY A 16 9.73 -5.76 -2.39
N GLU A 17 10.94 -5.22 -2.30
CA GLU A 17 11.19 -3.84 -2.67
C GLU A 17 11.09 -3.65 -4.18
N GLY A 18 10.07 -2.92 -4.62
CA GLY A 18 9.88 -2.69 -6.03
C GLY A 18 8.72 -3.47 -6.59
N LYS A 19 8.16 -4.37 -5.80
CA LYS A 19 7.04 -5.20 -6.22
C LYS A 19 5.72 -4.57 -5.78
N ALA A 20 4.62 -5.28 -6.05
CA ALA A 20 3.29 -4.80 -5.68
C ALA A 20 2.68 -5.67 -4.59
N THR A 21 1.49 -5.30 -4.14
CA THR A 21 0.80 -6.04 -3.09
C THR A 21 -0.72 -5.95 -3.26
N THR A 22 -1.45 -6.70 -2.44
CA THR A 22 -2.91 -6.69 -2.50
C THR A 22 -3.51 -6.20 -1.19
N ALA A 23 -4.83 -6.04 -1.18
CA ALA A 23 -5.53 -5.58 0.01
C ALA A 23 -5.53 -6.65 1.10
N HIS A 24 -5.81 -7.89 0.70
CA HIS A 24 -5.85 -9.00 1.64
C HIS A 24 -4.57 -9.07 2.45
N ASP A 25 -3.44 -8.80 1.80
CA ASP A 25 -2.14 -8.83 2.47
C ASP A 25 -1.88 -7.53 3.21
N LEU A 26 -2.52 -6.46 2.75
CA LEU A 26 -2.36 -5.15 3.38
C LEU A 26 -2.93 -5.15 4.79
N SER A 27 -4.24 -5.33 4.89
CA SER A 27 -4.91 -5.35 6.19
C SER A 27 -4.53 -6.60 6.98
N GLY A 28 -4.03 -7.60 6.28
CA GLY A 28 -3.63 -8.83 6.93
C GLY A 28 -2.25 -8.75 7.55
N LYS A 29 -1.35 -8.05 6.87
CA LYS A 29 0.02 -7.90 7.36
C LYS A 29 0.14 -6.65 8.23
N LEU A 30 -0.31 -5.52 7.71
CA LEU A 30 -0.26 -4.25 8.44
C LEU A 30 -1.07 -4.34 9.74
N GLY A 31 -2.01 -5.28 9.78
CA GLY A 31 -2.83 -5.44 10.96
C GLY A 31 -3.76 -4.27 11.19
N THR A 32 -4.00 -3.50 10.13
CA THR A 32 -4.88 -2.33 10.21
C THR A 32 -6.16 -2.54 9.42
N PRO A 33 -7.20 -1.78 9.75
CA PRO A 33 -8.49 -1.86 9.07
C PRO A 33 -8.43 -1.33 7.63
N LYS A 34 -9.40 -1.76 6.82
CA LYS A 34 -9.45 -1.32 5.43
C LYS A 34 -9.44 0.20 5.32
N LYS A 35 -10.22 0.85 6.17
CA LYS A 35 -10.30 2.30 6.19
C LYS A 35 -8.93 2.92 6.42
N GLU A 36 -8.02 2.13 6.98
CA GLU A 36 -6.67 2.60 7.25
C GLU A 36 -5.82 2.57 5.98
N ILE A 37 -5.58 1.38 5.46
CA ILE A 37 -4.79 1.22 4.25
C ILE A 37 -5.46 1.91 3.05
N ALA A 38 -6.76 2.12 3.15
CA ALA A 38 -7.51 2.77 2.09
C ALA A 38 -7.32 4.28 2.12
N ARG A 39 -7.05 4.81 3.30
CA ARG A 39 -6.83 6.25 3.46
C ARG A 39 -5.37 6.61 3.19
N VAL A 40 -4.46 5.70 3.53
CA VAL A 40 -3.04 5.93 3.33
C VAL A 40 -2.68 5.83 1.85
N LEU A 41 -3.27 4.87 1.16
CA LEU A 41 -3.02 4.67 -0.26
C LEU A 41 -3.49 5.86 -1.07
N ALA A 42 -4.60 6.46 -0.66
CA ALA A 42 -5.16 7.62 -1.35
C ALA A 42 -4.43 8.89 -0.95
N SER A 43 -3.95 8.93 0.30
CA SER A 43 -3.23 10.10 0.81
C SER A 43 -1.93 10.30 0.05
N LEU A 44 -1.23 9.21 -0.22
CA LEU A 44 0.04 9.26 -0.94
C LEU A 44 -0.18 9.34 -2.44
N ALA A 45 -1.12 8.55 -2.93
CA ALA A 45 -1.44 8.54 -4.36
C ALA A 45 -1.71 9.94 -4.88
N LYS A 46 -2.25 10.79 -4.02
CA LYS A 46 -2.55 12.17 -4.38
C LYS A 46 -1.32 12.88 -4.91
N LYS A 47 -0.16 12.47 -4.41
CA LYS A 47 1.11 13.07 -4.84
C LYS A 47 1.68 12.34 -6.05
N GLY A 48 1.22 11.11 -6.26
CA GLY A 48 1.69 10.33 -7.38
C GLY A 48 2.77 9.33 -6.99
N LYS A 49 2.74 8.92 -5.72
CA LYS A 49 3.72 7.96 -5.21
C LYS A 49 3.13 6.56 -5.16
N LEU A 50 1.81 6.48 -5.03
CA LEU A 50 1.12 5.19 -4.97
C LEU A 50 0.45 4.88 -6.30
N GLN A 51 0.07 3.62 -6.48
CA GLN A 51 -0.58 3.18 -7.71
C GLN A 51 -1.50 2.00 -7.44
N LYS A 52 -2.56 1.89 -8.24
CA LYS A 52 -3.52 0.80 -8.10
C LYS A 52 -3.81 0.14 -9.44
N GLU A 53 -3.24 -1.04 -9.65
CA GLU A 53 -3.44 -1.77 -10.90
C GLU A 53 -4.89 -2.21 -11.04
N ALA A 54 -5.71 -1.36 -11.65
CA ALA A 54 -7.12 -1.68 -11.85
C ALA A 54 -7.37 -2.23 -13.26
N GLY A 55 -6.98 -3.49 -13.46
CA GLY A 55 -7.16 -4.10 -14.77
C GLY A 55 -7.11 -5.62 -14.69
N THR A 56 -6.38 -6.22 -15.62
CA THR A 56 -6.25 -7.68 -15.67
C THR A 56 -5.75 -8.22 -14.34
N PRO A 57 -4.54 -7.79 -13.94
CA PRO A 57 -3.92 -8.22 -12.69
C PRO A 57 -4.62 -7.65 -11.47
N PRO A 58 -5.33 -8.53 -10.72
CA PRO A 58 -6.06 -8.14 -9.52
C PRO A 58 -5.14 -7.77 -8.37
N LEU A 59 -4.72 -6.51 -8.34
CA LEU A 59 -3.83 -6.02 -7.29
C LEU A 59 -3.48 -4.55 -7.51
N TRP A 60 -2.69 -3.99 -6.60
CA TRP A 60 -2.29 -2.59 -6.69
C TRP A 60 -0.95 -2.46 -7.41
N LYS A 61 -0.36 -1.27 -7.30
CA LYS A 61 0.93 -1.01 -7.94
C LYS A 61 1.74 0.00 -7.14
N ILE A 62 3.02 0.16 -7.50
CA ILE A 62 3.88 1.10 -6.82
C ILE A 62 4.31 2.24 -7.74
N ALA A 63 4.47 3.43 -7.18
CA ALA A 63 4.89 4.59 -7.97
C ALA A 63 6.03 5.32 -7.28
N TYR A 1 7.53 9.20 6.79
CA TYR A 1 6.73 9.77 7.87
C TYR A 1 6.87 8.94 9.14
N GLN A 2 6.21 9.38 10.20
CA GLN A 2 6.25 8.68 11.48
C GLN A 2 6.07 7.17 11.28
N ASP A 3 6.08 6.43 12.39
CA ASP A 3 5.92 4.99 12.34
C ASP A 3 4.99 4.58 11.18
N GLN A 4 3.96 5.39 10.95
CA GLN A 4 3.00 5.11 9.88
C GLN A 4 3.73 4.72 8.60
N GLU A 5 4.74 5.49 8.22
CA GLU A 5 5.51 5.21 7.02
C GLU A 5 6.48 4.06 7.24
N GLN A 6 7.05 4.00 8.44
CA GLN A 6 8.00 2.95 8.78
C GLN A 6 7.35 1.58 8.69
N ARG A 7 6.04 1.53 8.97
CA ARG A 7 5.31 0.28 8.91
C ARG A 7 5.03 -0.13 7.48
N ILE A 8 4.32 0.71 6.75
CA ILE A 8 3.99 0.44 5.35
C ILE A 8 5.25 0.19 4.53
N LEU A 9 6.32 0.90 4.87
CA LEU A 9 7.58 0.75 4.15
C LEU A 9 8.17 -0.65 4.37
N LYS A 10 8.19 -1.09 5.62
CA LYS A 10 8.72 -2.40 5.95
C LYS A 10 7.73 -3.50 5.58
N PHE A 11 6.48 -3.10 5.33
CA PHE A 11 5.44 -4.06 4.97
C PHE A 11 5.68 -4.61 3.56
N LEU A 12 5.63 -3.73 2.57
CA LEU A 12 5.85 -4.13 1.18
C LEU A 12 7.31 -4.49 0.94
N GLU A 13 8.18 -4.04 1.84
CA GLU A 13 9.61 -4.31 1.73
C GLU A 13 9.91 -5.79 1.92
N GLU A 14 9.37 -6.36 2.99
CA GLU A 14 9.57 -7.77 3.29
C GLU A 14 9.22 -8.64 2.09
N LEU A 15 7.99 -8.52 1.62
CA LEU A 15 7.53 -9.29 0.46
C LEU A 15 8.33 -8.94 -0.79
N GLY A 16 8.84 -7.70 -0.82
CA GLY A 16 9.62 -7.26 -1.97
C GLY A 16 9.75 -5.75 -2.03
N GLU A 17 10.94 -5.25 -1.70
CA GLU A 17 11.18 -3.81 -1.73
C GLU A 17 11.00 -3.24 -3.13
N GLY A 18 10.09 -2.29 -3.26
CA GLY A 18 9.82 -1.68 -4.56
C GLY A 18 8.83 -2.48 -5.38
N LYS A 19 8.03 -3.30 -4.71
CA LYS A 19 7.04 -4.13 -5.39
C LYS A 19 5.63 -3.67 -5.05
N ALA A 20 4.64 -4.45 -5.46
CA ALA A 20 3.25 -4.13 -5.19
C ALA A 20 2.66 -5.04 -4.13
N THR A 21 1.42 -4.75 -3.73
CA THR A 21 0.74 -5.55 -2.71
C THR A 21 -0.77 -5.42 -2.83
N THR A 22 -1.49 -6.21 -2.04
CA THR A 22 -2.95 -6.18 -2.04
C THR A 22 -3.50 -5.74 -0.70
N ALA A 23 -4.78 -5.40 -0.68
CA ALA A 23 -5.44 -4.97 0.56
C ALA A 23 -5.54 -6.11 1.56
N HIS A 24 -5.83 -7.31 1.06
CA HIS A 24 -5.97 -8.49 1.91
C HIS A 24 -4.73 -8.65 2.79
N ASP A 25 -3.56 -8.42 2.21
CA ASP A 25 -2.31 -8.55 2.93
C ASP A 25 -2.04 -7.31 3.79
N LEU A 26 -2.56 -6.17 3.33
CA LEU A 26 -2.37 -4.91 4.05
C LEU A 26 -2.97 -4.99 5.45
N SER A 27 -4.29 -5.13 5.53
CA SER A 27 -4.98 -5.22 6.80
C SER A 27 -4.67 -6.54 7.50
N GLY A 28 -4.31 -7.54 6.71
CA GLY A 28 -3.99 -8.85 7.26
C GLY A 28 -2.67 -8.86 8.01
N LYS A 29 -1.67 -8.21 7.43
CA LYS A 29 -0.35 -8.15 8.04
C LYS A 29 -0.22 -6.94 8.96
N LEU A 30 -0.48 -5.76 8.38
CA LEU A 30 -0.40 -4.51 9.15
C LEU A 30 -1.43 -4.49 10.27
N GLY A 31 -2.47 -5.30 10.13
CA GLY A 31 -3.51 -5.36 11.14
C GLY A 31 -4.29 -4.08 11.24
N THR A 32 -4.24 -3.27 10.18
CA THR A 32 -4.95 -1.99 10.16
C THR A 32 -6.29 -2.11 9.46
N PRO A 33 -7.20 -1.18 9.74
CA PRO A 33 -8.54 -1.16 9.13
C PRO A 33 -8.50 -0.81 7.65
N LYS A 34 -9.36 -1.47 6.87
CA LYS A 34 -9.43 -1.23 5.44
C LYS A 34 -9.68 0.24 5.14
N LYS A 35 -10.30 0.94 6.09
CA LYS A 35 -10.59 2.36 5.94
C LYS A 35 -9.31 3.19 5.97
N GLU A 36 -8.34 2.75 6.76
CA GLU A 36 -7.07 3.44 6.88
C GLU A 36 -6.20 3.20 5.65
N ILE A 37 -5.91 1.93 5.38
CA ILE A 37 -5.09 1.56 4.24
C ILE A 37 -5.65 2.15 2.94
N ALA A 38 -6.96 2.27 2.87
CA ALA A 38 -7.62 2.82 1.70
C ALA A 38 -7.46 4.34 1.64
N ARG A 39 -7.26 4.96 2.79
CA ARG A 39 -7.09 6.41 2.87
C ARG A 39 -5.63 6.79 2.66
N VAL A 40 -4.72 5.91 3.08
CA VAL A 40 -3.29 6.15 2.93
C VAL A 40 -2.86 6.05 1.47
N LEU A 41 -3.42 5.07 0.77
CA LEU A 41 -3.09 4.86 -0.65
C LEU A 41 -3.75 5.92 -1.51
N ALA A 42 -4.91 6.41 -1.08
CA ALA A 42 -5.64 7.43 -1.82
C ALA A 42 -5.06 8.81 -1.55
N SER A 43 -4.42 8.98 -0.40
CA SER A 43 -3.83 10.25 -0.02
C SER A 43 -2.55 10.51 -0.82
N LEU A 44 -1.65 9.54 -0.81
CA LEU A 44 -0.39 9.65 -1.54
C LEU A 44 -0.61 9.62 -3.05
N ALA A 45 -1.55 8.80 -3.49
CA ALA A 45 -1.87 8.68 -4.90
C ALA A 45 -2.18 10.04 -5.51
N LYS A 46 -2.73 10.94 -4.69
CA LYS A 46 -3.08 12.28 -5.14
C LYS A 46 -1.83 13.08 -5.51
N LYS A 47 -0.73 12.77 -4.82
CA LYS A 47 0.53 13.46 -5.07
C LYS A 47 1.27 12.83 -6.25
N GLY A 48 0.93 11.59 -6.56
CA GLY A 48 1.57 10.90 -7.66
C GLY A 48 2.66 9.95 -7.20
N LYS A 49 2.44 9.33 -6.04
CA LYS A 49 3.42 8.40 -5.49
C LYS A 49 2.85 6.98 -5.44
N LEU A 50 1.52 6.89 -5.37
CA LEU A 50 0.85 5.60 -5.31
C LEU A 50 0.15 5.28 -6.63
N GLN A 51 -0.23 4.03 -6.82
CA GLN A 51 -0.91 3.61 -8.04
C GLN A 51 -1.78 2.38 -7.78
N LYS A 52 -2.85 2.25 -8.54
CA LYS A 52 -3.77 1.12 -8.40
C LYS A 52 -3.80 0.29 -9.68
N GLU A 53 -3.15 -0.87 -9.65
CA GLU A 53 -3.12 -1.76 -10.81
C GLU A 53 -4.50 -2.34 -11.09
N ALA A 54 -5.30 -1.60 -11.84
CA ALA A 54 -6.65 -2.05 -12.19
C ALA A 54 -6.68 -2.68 -13.57
N GLY A 55 -6.16 -3.90 -13.68
CA GLY A 55 -6.15 -4.59 -14.96
C GLY A 55 -5.95 -6.09 -14.80
N THR A 56 -5.07 -6.65 -15.61
CA THR A 56 -4.80 -8.09 -15.56
C THR A 56 -4.43 -8.54 -14.16
N PRO A 57 -3.31 -8.00 -13.64
CA PRO A 57 -2.83 -8.33 -12.29
C PRO A 57 -3.72 -7.76 -11.21
N PRO A 58 -4.45 -8.64 -10.51
CA PRO A 58 -5.36 -8.23 -9.42
C PRO A 58 -4.60 -7.73 -8.19
N LEU A 59 -4.28 -6.44 -8.19
CA LEU A 59 -3.55 -5.85 -7.06
C LEU A 59 -3.27 -4.37 -7.33
N TRP A 60 -2.58 -3.74 -6.40
CA TRP A 60 -2.24 -2.32 -6.53
C TRP A 60 -0.89 -2.14 -7.23
N LYS A 61 -0.38 -0.92 -7.19
CA LYS A 61 0.91 -0.62 -7.81
C LYS A 61 1.60 0.54 -7.10
N ILE A 62 2.86 0.78 -7.45
CA ILE A 62 3.64 1.85 -6.84
C ILE A 62 4.05 2.88 -7.89
N ALA A 63 4.42 4.06 -7.42
CA ALA A 63 4.86 5.13 -8.31
C ALA A 63 6.06 5.88 -7.74
N TYR A 1 5.07 9.11 10.37
CA TYR A 1 4.94 9.38 11.80
C TYR A 1 6.08 8.74 12.58
N GLN A 2 6.08 8.97 13.90
CA GLN A 2 7.12 8.42 14.76
C GLN A 2 7.39 6.96 14.44
N ASP A 3 8.30 6.35 15.17
CA ASP A 3 8.65 4.94 14.97
C ASP A 3 7.43 4.16 14.49
N GLN A 4 6.27 4.47 15.04
CA GLN A 4 5.03 3.79 14.67
C GLN A 4 4.94 3.62 13.15
N GLU A 5 5.18 4.70 12.43
CA GLU A 5 5.12 4.67 10.97
C GLU A 5 6.35 3.98 10.39
N GLN A 6 7.50 4.21 11.01
CA GLN A 6 8.75 3.62 10.56
C GLN A 6 8.68 2.10 10.61
N ARG A 7 7.93 1.58 11.58
CA ARG A 7 7.78 0.13 11.73
C ARG A 7 6.88 -0.44 10.64
N ILE A 8 5.64 0.03 10.59
CA ILE A 8 4.69 -0.43 9.59
C ILE A 8 5.25 -0.28 8.18
N LEU A 9 6.02 0.78 7.97
CA LEU A 9 6.61 1.04 6.66
C LEU A 9 7.62 -0.05 6.30
N LYS A 10 8.48 -0.40 7.25
CA LYS A 10 9.48 -1.44 7.03
C LYS A 10 8.83 -2.81 6.88
N PHE A 11 7.62 -2.94 7.42
CA PHE A 11 6.89 -4.21 7.35
C PHE A 11 6.50 -4.53 5.90
N LEU A 12 5.72 -3.64 5.30
CA LEU A 12 5.28 -3.82 3.92
C LEU A 12 6.47 -3.93 2.98
N GLU A 13 7.51 -3.14 3.24
CA GLU A 13 8.71 -3.15 2.42
C GLU A 13 9.52 -4.41 2.66
N GLU A 14 9.26 -5.08 3.78
CA GLU A 14 9.98 -6.30 4.13
C GLU A 14 9.70 -7.40 3.10
N LEU A 15 8.63 -7.24 2.34
CA LEU A 15 8.26 -8.21 1.31
C LEU A 15 8.95 -7.91 -0.01
N GLY A 16 9.11 -6.61 -0.30
CA GLY A 16 9.75 -6.20 -1.53
C GLY A 16 9.46 -4.76 -1.88
N GLU A 17 10.15 -3.83 -1.23
CA GLU A 17 9.96 -2.41 -1.47
C GLU A 17 10.07 -2.10 -2.96
N GLY A 18 8.96 -1.70 -3.55
CA GLY A 18 8.94 -1.38 -4.98
C GLY A 18 8.27 -2.45 -5.80
N LYS A 19 7.48 -3.30 -5.15
CA LYS A 19 6.78 -4.36 -5.85
C LYS A 19 5.28 -4.09 -5.90
N ALA A 20 4.52 -5.02 -6.47
CA ALA A 20 3.08 -4.87 -6.58
C ALA A 20 2.36 -5.80 -5.62
N THR A 21 1.57 -5.22 -4.72
CA THR A 21 0.83 -6.00 -3.73
C THR A 21 -0.67 -5.73 -3.83
N THR A 22 -1.45 -6.42 -3.01
CA THR A 22 -2.90 -6.26 -3.01
C THR A 22 -3.36 -5.55 -1.73
N ALA A 23 -4.48 -4.84 -1.83
CA ALA A 23 -5.04 -4.12 -0.69
C ALA A 23 -5.16 -5.04 0.53
N HIS A 24 -5.68 -6.25 0.31
CA HIS A 24 -5.84 -7.22 1.38
C HIS A 24 -4.50 -7.72 1.89
N ASP A 25 -3.48 -7.63 1.04
CA ASP A 25 -2.14 -8.07 1.39
C ASP A 25 -1.40 -6.99 2.18
N LEU A 26 -1.56 -5.74 1.76
CA LEU A 26 -0.91 -4.62 2.43
C LEU A 26 -1.67 -4.23 3.69
N SER A 27 -2.99 -4.07 3.56
CA SER A 27 -3.83 -3.69 4.70
C SER A 27 -3.73 -4.73 5.81
N GLY A 28 -3.61 -5.99 5.43
CA GLY A 28 -3.51 -7.06 6.40
C GLY A 28 -2.13 -7.15 7.03
N LYS A 29 -1.10 -6.86 6.24
CA LYS A 29 0.27 -6.90 6.73
C LYS A 29 0.55 -5.74 7.68
N LEU A 30 -0.02 -4.58 7.36
CA LEU A 30 0.16 -3.40 8.20
C LEU A 30 -0.82 -3.38 9.36
N GLY A 31 -1.92 -4.13 9.21
CA GLY A 31 -2.92 -4.18 10.25
C GLY A 31 -3.86 -3.01 10.22
N THR A 32 -3.98 -2.37 9.06
CA THR A 32 -4.85 -1.21 8.91
C THR A 32 -6.16 -1.60 8.21
N PRO A 33 -7.20 -0.77 8.39
CA PRO A 33 -8.51 -1.00 7.79
C PRO A 33 -8.49 -0.81 6.27
N LYS A 34 -9.40 -1.50 5.59
CA LYS A 34 -9.49 -1.40 4.14
C LYS A 34 -9.87 0.01 3.70
N LYS A 35 -10.54 0.73 4.60
CA LYS A 35 -10.95 2.11 4.31
C LYS A 35 -9.76 3.05 4.28
N GLU A 36 -8.75 2.75 5.11
CA GLU A 36 -7.55 3.57 5.18
C GLU A 36 -6.67 3.35 3.96
N ILE A 37 -6.26 2.11 3.74
CA ILE A 37 -5.42 1.76 2.61
C ILE A 37 -6.05 2.23 1.30
N ALA A 38 -7.38 2.26 1.26
CA ALA A 38 -8.10 2.69 0.08
C ALA A 38 -8.08 4.21 -0.06
N ARG A 39 -7.96 4.90 1.07
CA ARG A 39 -7.93 6.36 1.07
C ARG A 39 -6.50 6.88 0.84
N VAL A 40 -5.53 6.17 1.40
CA VAL A 40 -4.14 6.55 1.26
C VAL A 40 -3.61 6.23 -0.14
N LEU A 41 -4.18 5.20 -0.75
CA LEU A 41 -3.78 4.79 -2.09
C LEU A 41 -4.24 5.79 -3.14
N ALA A 42 -5.39 6.40 -2.90
CA ALA A 42 -5.94 7.40 -3.82
C ALA A 42 -5.31 8.76 -3.59
N SER A 43 -4.93 9.03 -2.34
CA SER A 43 -4.31 10.30 -1.99
C SER A 43 -2.89 10.39 -2.53
N LEU A 44 -2.24 9.24 -2.64
CA LEU A 44 -0.87 9.18 -3.14
C LEU A 44 -0.84 9.23 -4.65
N ALA A 45 -1.66 8.40 -5.29
CA ALA A 45 -1.73 8.34 -6.75
C ALA A 45 -2.01 9.73 -7.33
N LYS A 46 -2.68 10.57 -6.54
CA LYS A 46 -3.02 11.92 -6.98
C LYS A 46 -1.75 12.72 -7.29
N LYS A 47 -0.65 12.35 -6.65
CA LYS A 47 0.63 13.03 -6.85
C LYS A 47 1.33 12.50 -8.10
N GLY A 48 0.97 11.28 -8.50
CA GLY A 48 1.57 10.68 -9.68
C GLY A 48 2.70 9.74 -9.33
N LYS A 49 2.74 9.29 -8.10
CA LYS A 49 3.79 8.39 -7.64
C LYS A 49 3.23 6.98 -7.38
N LEU A 50 1.94 6.92 -7.07
CA LEU A 50 1.27 5.65 -6.80
C LEU A 50 0.51 5.17 -8.04
N GLN A 51 0.22 3.87 -8.07
CA GLN A 51 -0.51 3.29 -9.19
C GLN A 51 -1.41 2.14 -8.73
N LYS A 52 -2.51 1.94 -9.42
CA LYS A 52 -3.45 0.87 -9.07
C LYS A 52 -3.95 0.16 -10.33
N GLU A 53 -3.49 -1.08 -10.51
CA GLU A 53 -3.89 -1.87 -11.67
C GLU A 53 -5.38 -2.21 -11.62
N ALA A 54 -6.19 -1.38 -12.27
CA ALA A 54 -7.63 -1.59 -12.29
C ALA A 54 -8.05 -2.33 -13.56
N GLY A 55 -7.78 -3.63 -13.60
CA GLY A 55 -8.14 -4.42 -14.76
C GLY A 55 -8.29 -5.90 -14.43
N THR A 56 -7.72 -6.75 -15.28
CA THR A 56 -7.78 -8.19 -15.07
C THR A 56 -7.14 -8.59 -13.75
N PRO A 57 -5.83 -8.31 -13.61
CA PRO A 57 -5.08 -8.62 -12.39
C PRO A 57 -5.50 -7.75 -11.21
N PRO A 58 -6.20 -8.37 -10.24
CA PRO A 58 -6.67 -7.67 -9.04
C PRO A 58 -5.52 -7.29 -8.11
N LEU A 59 -4.96 -6.10 -8.32
CA LEU A 59 -3.86 -5.62 -7.50
C LEU A 59 -3.47 -4.20 -7.90
N TRP A 60 -2.54 -3.61 -7.14
CA TRP A 60 -2.08 -2.26 -7.42
C TRP A 60 -0.72 -2.28 -8.11
N LYS A 61 -0.16 -1.10 -8.34
CA LYS A 61 1.14 -0.98 -9.00
C LYS A 61 1.93 0.18 -8.41
N ILE A 62 3.20 0.27 -8.79
CA ILE A 62 4.08 1.33 -8.31
C ILE A 62 4.51 2.25 -9.44
N ALA A 63 4.55 3.54 -9.18
CA ALA A 63 4.95 4.52 -10.17
C ALA A 63 6.27 5.18 -9.80
N TYR A 1 9.30 9.91 9.11
CA TYR A 1 8.85 10.44 10.39
C TYR A 1 8.92 9.38 11.48
N GLN A 2 8.36 9.70 12.64
CA GLN A 2 8.36 8.77 13.77
C GLN A 2 8.01 7.35 13.31
N ASP A 3 7.98 6.43 14.26
CA ASP A 3 7.65 5.04 13.95
C ASP A 3 6.67 4.95 12.79
N GLN A 4 5.72 5.89 12.75
CA GLN A 4 4.72 5.91 11.69
C GLN A 4 5.35 5.60 10.33
N GLU A 5 6.45 6.27 10.03
CA GLU A 5 7.15 6.06 8.77
C GLU A 5 7.96 4.77 8.80
N GLN A 6 8.59 4.50 9.95
CA GLN A 6 9.39 3.30 10.12
C GLN A 6 8.57 2.04 9.86
N ARG A 7 7.28 2.11 10.19
CA ARG A 7 6.39 0.98 9.99
C ARG A 7 6.05 0.80 8.52
N ILE A 8 5.40 1.81 7.95
CA ILE A 8 5.01 1.77 6.54
C ILE A 8 6.19 1.42 5.66
N LEU A 9 7.38 1.86 6.04
CA LEU A 9 8.59 1.59 5.28
C LEU A 9 8.97 0.11 5.37
N LYS A 10 8.84 -0.45 6.57
CA LYS A 10 9.16 -1.86 6.79
C LYS A 10 8.09 -2.77 6.18
N PHE A 11 6.91 -2.19 5.93
CA PHE A 11 5.82 -2.95 5.35
C PHE A 11 6.06 -3.23 3.87
N LEU A 12 6.35 -2.16 3.12
CA LEU A 12 6.61 -2.29 1.69
C LEU A 12 7.86 -3.14 1.43
N GLU A 13 8.87 -2.97 2.27
CA GLU A 13 10.11 -3.72 2.15
C GLU A 13 9.95 -5.14 2.68
N GLU A 14 8.91 -5.35 3.48
CA GLU A 14 8.65 -6.66 4.06
C GLU A 14 8.32 -7.68 2.97
N LEU A 15 7.89 -7.18 1.81
CA LEU A 15 7.54 -8.05 0.70
C LEU A 15 8.44 -7.78 -0.50
N GLY A 16 8.87 -6.52 -0.64
CA GLY A 16 9.73 -6.15 -1.75
C GLY A 16 9.75 -4.65 -2.00
N GLU A 17 10.91 -4.03 -1.81
CA GLU A 17 11.05 -2.60 -2.01
C GLU A 17 10.86 -2.24 -3.49
N GLY A 18 9.78 -1.53 -3.78
CA GLY A 18 9.49 -1.14 -5.15
C GLY A 18 8.64 -2.14 -5.88
N LYS A 19 7.89 -2.94 -5.13
CA LYS A 19 7.03 -3.95 -5.71
C LYS A 19 5.56 -3.61 -5.51
N ALA A 20 4.67 -4.54 -5.87
CA ALA A 20 3.23 -4.32 -5.71
C ALA A 20 2.67 -5.15 -4.57
N THR A 21 1.38 -5.00 -4.31
CA THR A 21 0.71 -5.75 -3.25
C THR A 21 -0.79 -5.77 -3.45
N THR A 22 -1.46 -6.69 -2.75
CA THR A 22 -2.91 -6.83 -2.87
C THR A 22 -3.61 -6.31 -1.61
N ALA A 23 -4.89 -6.01 -1.74
CA ALA A 23 -5.67 -5.50 -0.61
C ALA A 23 -5.58 -6.44 0.58
N HIS A 24 -5.63 -7.75 0.30
CA HIS A 24 -5.56 -8.75 1.36
C HIS A 24 -4.14 -8.85 1.92
N ASP A 25 -3.16 -8.47 1.10
CA ASP A 25 -1.77 -8.52 1.51
C ASP A 25 -1.41 -7.29 2.33
N LEU A 26 -1.96 -6.14 1.95
CA LEU A 26 -1.69 -4.88 2.65
C LEU A 26 -2.60 -4.73 3.86
N SER A 27 -3.89 -4.94 3.67
CA SER A 27 -4.86 -4.84 4.75
C SER A 27 -4.75 -6.02 5.70
N GLY A 28 -4.16 -7.12 5.21
CA GLY A 28 -4.00 -8.30 6.04
C GLY A 28 -2.73 -8.27 6.86
N LYS A 29 -1.64 -7.82 6.24
CA LYS A 29 -0.35 -7.74 6.92
C LYS A 29 -0.33 -6.58 7.92
N LEU A 30 -0.64 -5.38 7.43
CA LEU A 30 -0.65 -4.19 8.28
C LEU A 30 -1.68 -4.33 9.39
N GLY A 31 -2.66 -5.21 9.18
CA GLY A 31 -3.68 -5.43 10.19
C GLY A 31 -4.64 -4.25 10.30
N THR A 32 -4.70 -3.44 9.25
CA THR A 32 -5.57 -2.27 9.25
C THR A 32 -6.84 -2.53 8.42
N PRO A 33 -7.88 -1.74 8.68
CA PRO A 33 -9.16 -1.86 7.97
C PRO A 33 -9.06 -1.43 6.51
N LYS A 34 -9.98 -1.92 5.68
CA LYS A 34 -9.99 -1.57 4.27
C LYS A 34 -10.12 -0.07 4.08
N LYS A 35 -10.72 0.60 5.05
CA LYS A 35 -10.90 2.05 4.99
C LYS A 35 -9.59 2.77 5.28
N GLU A 36 -8.75 2.16 6.11
CA GLU A 36 -7.47 2.75 6.48
C GLU A 36 -6.50 2.71 5.30
N ILE A 37 -6.16 1.50 4.86
CA ILE A 37 -5.24 1.33 3.75
C ILE A 37 -5.73 2.08 2.51
N ALA A 38 -7.04 2.24 2.41
CA ALA A 38 -7.64 2.95 1.29
C ALA A 38 -7.46 4.46 1.42
N ARG A 39 -7.35 4.93 2.66
CA ARG A 39 -7.17 6.36 2.92
C ARG A 39 -5.76 6.80 2.58
N VAL A 40 -4.77 6.08 3.12
CA VAL A 40 -3.37 6.40 2.86
C VAL A 40 -3.01 6.18 1.40
N LEU A 41 -3.59 5.15 0.80
CA LEU A 41 -3.33 4.83 -0.59
C LEU A 41 -3.95 5.88 -1.52
N ALA A 42 -5.16 6.31 -1.19
CA ALA A 42 -5.86 7.30 -1.99
C ALA A 42 -5.19 8.67 -1.86
N SER A 43 -4.47 8.87 -0.76
CA SER A 43 -3.78 10.14 -0.52
C SER A 43 -2.44 10.17 -1.24
N LEU A 44 -1.79 9.02 -1.33
CA LEU A 44 -0.50 8.92 -1.98
C LEU A 44 -0.66 8.77 -3.49
N ALA A 45 -1.57 7.89 -3.90
CA ALA A 45 -1.83 7.66 -5.31
C ALA A 45 -2.09 8.97 -6.04
N LYS A 46 -2.91 9.83 -5.44
CA LYS A 46 -3.24 11.12 -6.04
C LYS A 46 -1.98 11.95 -6.26
N LYS A 47 -0.98 11.73 -5.42
CA LYS A 47 0.28 12.47 -5.52
C LYS A 47 1.16 11.86 -6.62
N GLY A 48 0.85 10.63 -7.02
CA GLY A 48 1.62 9.96 -8.05
C GLY A 48 2.63 8.99 -7.47
N LYS A 49 2.55 8.76 -6.17
CA LYS A 49 3.46 7.83 -5.50
C LYS A 49 2.92 6.42 -5.52
N LEU A 50 1.60 6.29 -5.69
CA LEU A 50 0.95 4.99 -5.74
C LEU A 50 0.16 4.82 -7.02
N GLN A 51 -0.03 3.57 -7.44
CA GLN A 51 -0.78 3.27 -8.65
C GLN A 51 -1.48 1.92 -8.54
N LYS A 52 -2.78 1.95 -8.32
CA LYS A 52 -3.56 0.72 -8.20
C LYS A 52 -4.07 0.26 -9.56
N GLU A 53 -3.74 -0.98 -9.93
CA GLU A 53 -4.16 -1.53 -11.20
C GLU A 53 -5.68 -1.72 -11.24
N ALA A 54 -6.38 -0.71 -11.73
CA ALA A 54 -7.84 -0.77 -11.81
C ALA A 54 -8.29 -1.28 -13.19
N GLY A 55 -8.14 -2.59 -13.40
CA GLY A 55 -8.53 -3.17 -14.67
C GLY A 55 -8.76 -4.67 -14.57
N THR A 56 -8.23 -5.41 -15.52
CA THR A 56 -8.38 -6.86 -15.54
C THR A 56 -7.75 -7.49 -14.31
N PRO A 57 -6.42 -7.37 -14.18
CA PRO A 57 -5.66 -7.92 -13.06
C PRO A 57 -5.95 -7.18 -11.75
N PRO A 58 -6.71 -7.83 -10.86
CA PRO A 58 -7.06 -7.26 -9.56
C PRO A 58 -5.87 -7.16 -8.62
N LEU A 59 -5.23 -5.99 -8.60
CA LEU A 59 -4.08 -5.75 -7.75
C LEU A 59 -3.64 -4.30 -7.81
N TRP A 60 -2.81 -3.89 -6.85
CA TRP A 60 -2.32 -2.51 -6.79
C TRP A 60 -0.80 -2.49 -6.66
N LYS A 61 -0.18 -1.49 -7.27
CA LYS A 61 1.27 -1.35 -7.22
C LYS A 61 1.67 0.06 -6.78
N ILE A 62 2.95 0.24 -6.49
CA ILE A 62 3.46 1.53 -6.07
C ILE A 62 4.23 2.23 -7.19
N ALA A 63 4.00 3.53 -7.33
CA ALA A 63 4.67 4.31 -8.36
C ALA A 63 5.99 4.89 -7.85
N TYR A 1 7.06 9.58 6.80
CA TYR A 1 6.21 10.04 7.90
C TYR A 1 6.46 9.22 9.15
N GLN A 2 5.83 9.63 10.25
CA GLN A 2 5.98 8.92 11.52
C GLN A 2 5.89 7.41 11.33
N ASP A 3 5.99 6.67 12.43
CA ASP A 3 5.91 5.21 12.38
C ASP A 3 4.99 4.76 11.25
N GLN A 4 3.89 5.48 11.06
CA GLN A 4 2.93 5.15 10.01
C GLN A 4 3.64 4.81 8.71
N GLU A 5 4.57 5.67 8.31
CA GLU A 5 5.32 5.46 7.08
C GLU A 5 6.37 4.36 7.26
N GLN A 6 6.95 4.29 8.46
CA GLN A 6 7.97 3.30 8.75
C GLN A 6 7.38 1.88 8.67
N ARG A 7 6.09 1.77 8.97
CA ARG A 7 5.41 0.47 8.92
C ARG A 7 5.13 0.05 7.49
N ILE A 8 4.42 0.90 6.76
CA ILE A 8 4.08 0.62 5.36
C ILE A 8 5.33 0.44 4.52
N LEU A 9 6.38 1.20 4.84
CA LEU A 9 7.63 1.12 4.11
C LEU A 9 8.29 -0.24 4.30
N LYS A 10 8.39 -0.68 5.56
CA LYS A 10 8.99 -1.97 5.88
C LYS A 10 8.03 -3.11 5.53
N PHE A 11 6.77 -2.78 5.33
CA PHE A 11 5.75 -3.78 4.99
C PHE A 11 5.98 -4.34 3.59
N LEU A 12 5.86 -3.48 2.59
CA LEU A 12 6.05 -3.88 1.20
C LEU A 12 7.53 -4.18 0.92
N GLU A 13 8.41 -3.68 1.79
CA GLU A 13 9.83 -3.89 1.64
C GLU A 13 10.21 -5.34 1.93
N GLU A 14 9.59 -5.91 2.97
CA GLU A 14 9.86 -7.29 3.35
C GLU A 14 9.51 -8.25 2.22
N LEU A 15 8.28 -8.14 1.72
CA LEU A 15 7.82 -9.00 0.63
C LEU A 15 8.59 -8.71 -0.65
N GLY A 16 8.94 -7.45 -0.86
CA GLY A 16 9.68 -7.06 -2.04
C GLY A 16 9.61 -5.57 -2.32
N GLU A 17 10.76 -4.91 -2.29
CA GLU A 17 10.82 -3.48 -2.53
C GLU A 17 10.64 -3.16 -4.02
N GLY A 18 9.54 -2.50 -4.34
CA GLY A 18 9.26 -2.15 -5.72
C GLY A 18 8.32 -3.14 -6.40
N LYS A 19 7.70 -3.99 -5.60
CA LYS A 19 6.77 -4.99 -6.11
C LYS A 19 5.32 -4.53 -5.93
N ALA A 20 4.38 -5.44 -6.17
CA ALA A 20 2.96 -5.14 -6.03
C ALA A 20 2.39 -5.80 -4.78
N THR A 21 1.19 -5.35 -4.39
CA THR A 21 0.53 -5.88 -3.20
C THR A 21 -0.98 -5.72 -3.30
N THR A 22 -1.70 -6.25 -2.32
CA THR A 22 -3.15 -6.16 -2.30
C THR A 22 -3.65 -5.56 -0.99
N ALA A 23 -4.91 -5.16 -0.97
CA ALA A 23 -5.50 -4.58 0.23
C ALA A 23 -5.63 -5.62 1.34
N HIS A 24 -6.11 -6.80 0.99
CA HIS A 24 -6.28 -7.88 1.96
C HIS A 24 -4.98 -8.12 2.74
N ASP A 25 -3.86 -8.14 2.02
CA ASP A 25 -2.56 -8.35 2.65
C ASP A 25 -2.20 -7.20 3.57
N LEU A 26 -2.52 -5.98 3.14
CA LEU A 26 -2.22 -4.79 3.93
C LEU A 26 -3.00 -4.81 5.25
N SER A 27 -4.32 -4.85 5.16
CA SER A 27 -5.18 -4.87 6.34
C SER A 27 -4.90 -6.11 7.18
N GLY A 28 -4.28 -7.11 6.57
CA GLY A 28 -3.96 -8.34 7.28
C GLY A 28 -2.66 -8.23 8.07
N LYS A 29 -1.60 -7.81 7.40
CA LYS A 29 -0.29 -7.67 8.04
C LYS A 29 -0.26 -6.42 8.92
N LEU A 30 -0.56 -5.27 8.32
CA LEU A 30 -0.57 -4.01 9.05
C LEU A 30 -1.58 -4.05 10.20
N GLY A 31 -2.54 -4.95 10.11
CA GLY A 31 -3.55 -5.08 11.14
C GLY A 31 -4.39 -3.82 11.27
N THR A 32 -4.35 -2.98 10.26
CA THR A 32 -5.12 -1.73 10.26
C THR A 32 -6.51 -1.94 9.69
N PRO A 33 -7.45 -1.04 10.05
CA PRO A 33 -8.83 -1.12 9.58
C PRO A 33 -8.96 -0.81 8.08
N LYS A 34 -10.00 -1.33 7.46
CA LYS A 34 -10.24 -1.11 6.04
C LYS A 34 -10.35 0.38 5.73
N LYS A 35 -10.71 1.16 6.74
CA LYS A 35 -10.85 2.60 6.59
C LYS A 35 -9.49 3.29 6.67
N GLU A 36 -8.49 2.57 7.14
CA GLU A 36 -7.14 3.10 7.27
C GLU A 36 -6.38 2.98 5.96
N ILE A 37 -6.14 1.74 5.53
CA ILE A 37 -5.43 1.48 4.29
C ILE A 37 -6.14 2.09 3.10
N ALA A 38 -7.45 2.30 3.24
CA ALA A 38 -8.26 2.89 2.17
C ALA A 38 -8.06 4.39 2.11
N ARG A 39 -7.89 5.02 3.28
CA ARG A 39 -7.70 6.46 3.36
C ARG A 39 -6.27 6.84 2.94
N VAL A 40 -5.30 6.07 3.44
CA VAL A 40 -3.89 6.33 3.12
C VAL A 40 -3.60 6.03 1.65
N LEU A 41 -4.33 5.06 1.09
CA LEU A 41 -4.14 4.68 -0.30
C LEU A 41 -4.53 5.81 -1.24
N ALA A 42 -5.64 6.47 -0.93
CA ALA A 42 -6.13 7.58 -1.74
C ALA A 42 -5.31 8.85 -1.49
N SER A 43 -4.74 8.95 -0.29
CA SER A 43 -3.94 10.11 0.07
C SER A 43 -2.54 10.01 -0.53
N LEU A 44 -1.95 8.82 -0.43
CA LEU A 44 -0.61 8.59 -0.97
C LEU A 44 -0.59 8.77 -2.48
N ALA A 45 -1.43 8.02 -3.18
CA ALA A 45 -1.52 8.10 -4.63
C ALA A 45 -1.81 9.53 -5.09
N LYS A 46 -2.41 10.31 -4.20
CA LYS A 46 -2.75 11.69 -4.50
C LYS A 46 -1.52 12.47 -4.99
N LYS A 47 -0.36 12.11 -4.46
CA LYS A 47 0.89 12.76 -4.84
C LYS A 47 1.53 12.05 -6.04
N GLY A 48 1.08 10.83 -6.31
CA GLY A 48 1.61 10.07 -7.43
C GLY A 48 2.65 9.06 -7.00
N LYS A 49 2.84 8.93 -5.68
CA LYS A 49 3.82 7.99 -5.15
C LYS A 49 3.26 6.58 -5.14
N LEU A 50 1.94 6.46 -5.19
CA LEU A 50 1.27 5.17 -5.20
C LEU A 50 0.65 4.88 -6.56
N GLN A 51 0.31 3.61 -6.80
CA GLN A 51 -0.30 3.21 -8.05
C GLN A 51 -1.23 2.01 -7.85
N LYS A 52 -2.26 1.92 -8.69
CA LYS A 52 -3.22 0.83 -8.59
C LYS A 52 -3.39 0.16 -9.94
N GLU A 53 -2.77 -1.01 -10.10
CA GLU A 53 -2.86 -1.76 -11.35
C GLU A 53 -4.26 -2.29 -11.57
N ALA A 54 -5.10 -1.47 -12.21
CA ALA A 54 -6.48 -1.85 -12.48
C ALA A 54 -6.63 -2.38 -13.90
N GLY A 55 -6.17 -3.60 -14.13
CA GLY A 55 -6.26 -4.20 -15.45
C GLY A 55 -6.16 -5.71 -15.41
N THR A 56 -5.36 -6.27 -16.31
CA THR A 56 -5.17 -7.72 -16.38
C THR A 56 -4.72 -8.28 -15.04
N PRO A 57 -3.53 -7.86 -14.60
CA PRO A 57 -2.96 -8.30 -13.32
C PRO A 57 -3.70 -7.74 -12.12
N PRO A 58 -4.43 -8.62 -11.42
CA PRO A 58 -5.21 -8.23 -10.24
C PRO A 58 -4.32 -7.88 -9.05
N LEU A 59 -3.93 -6.61 -8.98
CA LEU A 59 -3.08 -6.14 -7.89
C LEU A 59 -2.79 -4.64 -8.03
N TRP A 60 -2.10 -4.09 -7.04
CA TRP A 60 -1.74 -2.67 -7.07
C TRP A 60 -0.33 -2.47 -7.56
N LYS A 61 0.16 -1.23 -7.47
CA LYS A 61 1.51 -0.91 -7.92
C LYS A 61 2.11 0.20 -7.07
N ILE A 62 3.41 0.43 -7.23
CA ILE A 62 4.11 1.47 -6.48
C ILE A 62 4.67 2.54 -7.39
N ALA A 63 5.05 3.67 -6.81
CA ALA A 63 5.61 4.78 -7.58
C ALA A 63 6.76 5.45 -6.83
N TYR A 1 5.51 9.84 7.31
CA TYR A 1 5.28 10.31 8.67
C TYR A 1 6.29 9.70 9.64
N GLN A 2 6.19 10.10 10.90
CA GLN A 2 7.10 9.59 11.93
C GLN A 2 7.26 8.08 11.81
N ASP A 3 8.04 7.49 12.72
CA ASP A 3 8.28 6.05 12.71
C ASP A 3 7.04 5.30 12.23
N GLN A 4 5.87 5.80 12.62
CA GLN A 4 4.61 5.17 12.23
C GLN A 4 4.62 4.80 10.75
N GLU A 5 5.02 5.76 9.91
CA GLU A 5 5.08 5.53 8.47
C GLU A 5 6.28 4.67 8.09
N GLN A 6 7.42 4.95 8.73
CA GLN A 6 8.64 4.21 8.46
C GLN A 6 8.44 2.72 8.72
N ARG A 7 7.54 2.40 9.65
CA ARG A 7 7.26 1.02 10.00
C ARG A 7 6.41 0.35 8.93
N ILE A 8 5.24 0.91 8.66
CA ILE A 8 4.34 0.38 7.65
C ILE A 8 5.03 0.27 6.29
N LEU A 9 5.88 1.26 5.99
CA LEU A 9 6.60 1.28 4.72
C LEU A 9 7.54 0.09 4.61
N LYS A 10 8.33 -0.13 5.67
CA LYS A 10 9.28 -1.25 5.69
C LYS A 10 8.56 -2.57 5.92
N PHE A 11 7.30 -2.50 6.36
CA PHE A 11 6.50 -3.69 6.61
C PHE A 11 6.17 -4.40 5.31
N LEU A 12 5.40 -3.74 4.46
CA LEU A 12 5.00 -4.31 3.18
C LEU A 12 6.19 -4.38 2.23
N GLU A 13 7.23 -3.61 2.52
CA GLU A 13 8.43 -3.57 1.69
C GLU A 13 9.24 -4.86 1.85
N GLU A 14 9.23 -5.40 3.06
CA GLU A 14 9.97 -6.63 3.35
C GLU A 14 9.56 -7.74 2.38
N LEU A 15 8.28 -7.81 2.08
CA LEU A 15 7.76 -8.83 1.16
C LEU A 15 8.38 -8.67 -0.22
N GLY A 16 8.83 -7.47 -0.53
CA GLY A 16 9.44 -7.22 -1.83
C GLY A 16 9.54 -5.74 -2.15
N GLU A 17 10.69 -5.15 -1.83
CA GLU A 17 10.90 -3.73 -2.08
C GLU A 17 10.91 -3.43 -3.58
N GLY A 18 9.89 -2.72 -4.04
CA GLY A 18 9.80 -2.39 -5.46
C GLY A 18 8.88 -3.32 -6.21
N LYS A 19 8.03 -4.03 -5.48
CA LYS A 19 7.08 -4.97 -6.09
C LYS A 19 5.65 -4.50 -5.88
N ALA A 20 4.70 -5.26 -6.42
CA ALA A 20 3.29 -4.93 -6.29
C ALA A 20 2.58 -5.87 -5.32
N THR A 21 1.52 -5.38 -4.70
CA THR A 21 0.76 -6.18 -3.75
C THR A 21 -0.74 -5.90 -3.86
N THR A 22 -1.54 -6.72 -3.19
CA THR A 22 -2.99 -6.57 -3.22
C THR A 22 -3.51 -6.00 -1.91
N ALA A 23 -4.83 -5.81 -1.83
CA ALA A 23 -5.46 -5.28 -0.63
C ALA A 23 -5.48 -6.32 0.48
N HIS A 24 -5.93 -7.54 0.15
CA HIS A 24 -5.99 -8.61 1.13
C HIS A 24 -4.66 -8.79 1.84
N ASP A 25 -3.57 -8.53 1.12
CA ASP A 25 -2.23 -8.66 1.68
C ASP A 25 -1.85 -7.43 2.49
N LEU A 26 -2.18 -6.25 1.96
CA LEU A 26 -1.88 -5.00 2.63
C LEU A 26 -2.65 -4.88 3.95
N SER A 27 -3.97 -4.86 3.85
CA SER A 27 -4.82 -4.76 5.03
C SER A 27 -4.48 -5.84 6.05
N GLY A 28 -3.97 -6.97 5.56
CA GLY A 28 -3.60 -8.05 6.44
C GLY A 28 -2.22 -7.87 7.04
N LYS A 29 -1.34 -7.18 6.32
CA LYS A 29 0.02 -6.94 6.79
C LYS A 29 0.05 -5.74 7.72
N LEU A 30 -0.43 -4.60 7.25
CA LEU A 30 -0.45 -3.39 8.05
C LEU A 30 -1.38 -3.52 9.25
N GLY A 31 -2.32 -4.46 9.14
CA GLY A 31 -3.25 -4.70 10.23
C GLY A 31 -4.37 -3.66 10.26
N THR A 32 -4.55 -2.96 9.14
CA THR A 32 -5.59 -1.93 9.05
C THR A 32 -6.77 -2.41 8.21
N PRO A 33 -7.93 -1.76 8.40
CA PRO A 33 -9.15 -2.10 7.67
C PRO A 33 -9.06 -1.73 6.19
N LYS A 34 -9.97 -2.29 5.39
CA LYS A 34 -10.00 -2.02 3.96
C LYS A 34 -10.26 -0.54 3.69
N LYS A 35 -11.07 0.07 4.54
CA LYS A 35 -11.40 1.48 4.40
C LYS A 35 -10.17 2.36 4.63
N GLU A 36 -9.22 1.84 5.40
CA GLU A 36 -8.00 2.58 5.70
C GLU A 36 -6.98 2.43 4.57
N ILE A 37 -6.61 1.19 4.28
CA ILE A 37 -5.65 0.91 3.22
C ILE A 37 -6.09 1.51 1.89
N ALA A 38 -7.41 1.56 1.68
CA ALA A 38 -7.96 2.13 0.46
C ALA A 38 -7.84 3.65 0.45
N ARG A 39 -7.75 4.24 1.63
CA ARG A 39 -7.63 5.68 1.77
C ARG A 39 -6.18 6.12 1.67
N VAL A 40 -5.31 5.46 2.44
CA VAL A 40 -3.89 5.79 2.44
C VAL A 40 -3.26 5.49 1.08
N LEU A 41 -3.81 4.51 0.39
CA LEU A 41 -3.30 4.11 -0.93
C LEU A 41 -3.83 5.05 -2.02
N ALA A 42 -5.12 5.36 -1.94
CA ALA A 42 -5.75 6.24 -2.92
C ALA A 42 -5.28 7.69 -2.74
N SER A 43 -4.85 8.01 -1.52
CA SER A 43 -4.38 9.36 -1.22
C SER A 43 -2.92 9.54 -1.67
N LEU A 44 -2.05 8.68 -1.17
CA LEU A 44 -0.63 8.74 -1.51
C LEU A 44 -0.44 8.61 -3.03
N ALA A 45 -1.19 7.70 -3.64
CA ALA A 45 -1.10 7.49 -5.07
C ALA A 45 -1.37 8.78 -5.84
N LYS A 46 -2.15 9.67 -5.23
CA LYS A 46 -2.48 10.95 -5.85
C LYS A 46 -1.32 11.93 -5.75
N LYS A 47 -0.40 11.66 -4.83
CA LYS A 47 0.77 12.51 -4.64
C LYS A 47 1.92 12.07 -5.54
N GLY A 48 1.85 10.84 -6.02
CA GLY A 48 2.89 10.32 -6.89
C GLY A 48 3.87 9.45 -6.14
N LYS A 49 3.51 9.04 -4.94
CA LYS A 49 4.37 8.19 -4.12
C LYS A 49 3.85 6.75 -4.09
N LEU A 50 2.65 6.55 -4.61
CA LEU A 50 2.05 5.22 -4.64
C LEU A 50 1.49 4.91 -6.03
N GLN A 51 1.03 3.68 -6.21
CA GLN A 51 0.46 3.26 -7.49
C GLN A 51 -0.69 2.29 -7.28
N LYS A 52 -1.64 2.30 -8.22
CA LYS A 52 -2.80 1.42 -8.14
C LYS A 52 -3.20 0.92 -9.53
N GLU A 53 -3.09 -0.39 -9.73
CA GLU A 53 -3.44 -0.99 -11.01
C GLU A 53 -4.94 -0.90 -11.27
N ALA A 54 -5.36 0.21 -11.86
CA ALA A 54 -6.77 0.43 -12.17
C ALA A 54 -7.18 -0.31 -13.44
N GLY A 55 -7.56 -1.57 -13.30
CA GLY A 55 -7.96 -2.36 -14.44
C GLY A 55 -8.51 -3.72 -14.06
N THR A 56 -8.68 -4.60 -15.05
CA THR A 56 -9.21 -5.93 -14.80
C THR A 56 -8.56 -6.56 -13.58
N PRO A 57 -7.24 -6.80 -13.66
CA PRO A 57 -6.46 -7.40 -12.57
C PRO A 57 -6.31 -6.46 -11.38
N PRO A 58 -6.97 -6.81 -10.26
CA PRO A 58 -6.92 -6.02 -9.03
C PRO A 58 -5.56 -6.06 -8.36
N LEU A 59 -4.74 -5.05 -8.64
CA LEU A 59 -3.40 -4.98 -8.05
C LEU A 59 -3.02 -3.53 -7.76
N TRP A 60 -1.99 -3.36 -6.94
CA TRP A 60 -1.52 -2.03 -6.56
C TRP A 60 0.00 -2.00 -6.43
N LYS A 61 0.61 -0.93 -6.91
CA LYS A 61 2.06 -0.79 -6.84
C LYS A 61 2.44 0.33 -5.88
N ILE A 62 3.74 0.44 -5.58
CA ILE A 62 4.23 1.46 -4.67
C ILE A 62 5.20 2.41 -5.38
N ALA A 63 5.56 3.49 -4.72
CA ALA A 63 6.48 4.48 -5.29
C ALA A 63 7.21 5.24 -4.19
N TYR A 1 8.33 10.28 5.98
CA TYR A 1 7.55 10.93 7.02
C TYR A 1 7.62 10.14 8.32
N GLN A 2 6.96 10.67 9.35
CA GLN A 2 6.94 10.02 10.66
C GLN A 2 6.68 8.52 10.52
N ASP A 3 6.60 7.83 11.64
CA ASP A 3 6.35 6.39 11.64
C ASP A 3 5.47 5.99 10.47
N GLN A 4 4.47 6.83 10.17
CA GLN A 4 3.55 6.58 9.08
C GLN A 4 4.30 6.07 7.84
N GLU A 5 5.36 6.77 7.48
CA GLU A 5 6.16 6.39 6.32
C GLU A 5 7.05 5.19 6.64
N GLN A 6 7.58 5.15 7.86
CA GLN A 6 8.44 4.05 8.28
C GLN A 6 7.70 2.72 8.22
N ARG A 7 6.38 2.77 8.45
CA ARG A 7 5.56 1.56 8.42
C ARG A 7 5.32 1.10 6.98
N ILE A 8 4.67 1.95 6.19
CA ILE A 8 4.38 1.64 4.80
C ILE A 8 5.64 1.20 4.05
N LEU A 9 6.77 1.81 4.41
CA LEU A 9 8.04 1.49 3.78
C LEU A 9 8.48 0.07 4.15
N LYS A 10 8.35 -0.28 5.43
CA LYS A 10 8.74 -1.60 5.91
C LYS A 10 7.75 -2.66 5.42
N PHE A 11 6.56 -2.22 5.04
CA PHE A 11 5.53 -3.13 4.55
C PHE A 11 5.89 -3.66 3.17
N LEU A 12 6.14 -2.75 2.24
CA LEU A 12 6.50 -3.14 0.87
C LEU A 12 7.80 -3.95 0.86
N GLU A 13 8.73 -3.57 1.72
CA GLU A 13 10.02 -4.26 1.80
C GLU A 13 9.88 -5.58 2.55
N GLU A 14 8.79 -5.71 3.31
CA GLU A 14 8.54 -6.92 4.09
C GLU A 14 8.08 -8.07 3.18
N LEU A 15 7.58 -7.71 2.00
CA LEU A 15 7.09 -8.70 1.05
C LEU A 15 7.92 -8.66 -0.24
N GLY A 16 8.50 -7.50 -0.52
CA GLY A 16 9.31 -7.35 -1.72
C GLY A 16 9.49 -5.90 -2.12
N GLU A 17 10.74 -5.44 -2.11
CA GLU A 17 11.05 -4.06 -2.47
C GLU A 17 11.16 -3.90 -3.99
N GLY A 18 10.19 -3.19 -4.57
CA GLY A 18 10.18 -2.97 -6.00
C GLY A 18 9.04 -3.68 -6.69
N LYS A 19 8.20 -4.34 -5.90
CA LYS A 19 7.04 -5.07 -6.44
C LYS A 19 5.74 -4.37 -6.05
N ALA A 20 4.62 -5.01 -6.38
CA ALA A 20 3.31 -4.46 -6.07
C ALA A 20 2.65 -5.24 -4.94
N THR A 21 1.56 -4.68 -4.41
CA THR A 21 0.83 -5.32 -3.33
C THR A 21 -0.67 -5.06 -3.44
N THR A 22 -1.46 -5.89 -2.76
CA THR A 22 -2.91 -5.76 -2.78
C THR A 22 -3.48 -5.65 -1.37
N ALA A 23 -4.67 -5.08 -1.26
CA ALA A 23 -5.33 -4.93 0.03
C ALA A 23 -5.32 -6.23 0.81
N HIS A 24 -5.39 -7.35 0.09
CA HIS A 24 -5.40 -8.66 0.70
C HIS A 24 -4.17 -8.86 1.59
N ASP A 25 -3.01 -8.42 1.10
CA ASP A 25 -1.78 -8.55 1.86
C ASP A 25 -1.64 -7.42 2.87
N LEU A 26 -2.09 -6.23 2.49
CA LEU A 26 -2.02 -5.07 3.38
C LEU A 26 -2.68 -5.37 4.72
N SER A 27 -3.96 -5.73 4.69
CA SER A 27 -4.71 -6.03 5.89
C SER A 27 -4.08 -7.21 6.63
N GLY A 28 -3.28 -7.99 5.91
CA GLY A 28 -2.63 -9.14 6.51
C GLY A 28 -1.36 -8.77 7.27
N LYS A 29 -0.55 -7.91 6.66
CA LYS A 29 0.69 -7.47 7.28
C LYS A 29 0.45 -6.33 8.26
N LEU A 30 -0.16 -5.26 7.77
CA LEU A 30 -0.46 -4.10 8.60
C LEU A 30 -1.50 -4.45 9.67
N GLY A 31 -2.31 -5.47 9.39
CA GLY A 31 -3.33 -5.89 10.33
C GLY A 31 -4.42 -4.84 10.52
N THR A 32 -4.50 -3.90 9.57
CA THR A 32 -5.49 -2.84 9.64
C THR A 32 -6.70 -3.16 8.78
N PRO A 33 -7.83 -2.50 9.06
CA PRO A 33 -9.09 -2.72 8.33
C PRO A 33 -9.01 -2.16 6.90
N LYS A 34 -9.78 -2.76 6.01
CA LYS A 34 -9.81 -2.33 4.61
C LYS A 34 -10.16 -0.84 4.51
N LYS A 35 -10.86 -0.33 5.51
CA LYS A 35 -11.25 1.07 5.53
C LYS A 35 -10.04 1.96 5.78
N GLU A 36 -9.03 1.42 6.44
CA GLU A 36 -7.81 2.17 6.73
C GLU A 36 -6.85 2.14 5.55
N ILE A 37 -6.47 0.93 5.13
CA ILE A 37 -5.55 0.77 4.01
C ILE A 37 -6.08 1.47 2.76
N ALA A 38 -7.41 1.54 2.65
CA ALA A 38 -8.04 2.18 1.50
C ALA A 38 -7.97 3.70 1.62
N ARG A 39 -7.81 4.19 2.84
CA ARG A 39 -7.72 5.63 3.08
C ARG A 39 -6.29 6.13 2.90
N VAL A 40 -5.35 5.44 3.55
CA VAL A 40 -3.95 5.82 3.47
C VAL A 40 -3.42 5.68 2.05
N LEU A 41 -3.95 4.70 1.33
CA LEU A 41 -3.54 4.45 -0.05
C LEU A 41 -3.93 5.61 -0.95
N ALA A 42 -5.09 6.20 -0.68
CA ALA A 42 -5.57 7.32 -1.46
C ALA A 42 -4.88 8.63 -1.06
N SER A 43 -4.35 8.64 0.16
CA SER A 43 -3.67 9.82 0.68
C SER A 43 -2.34 10.04 -0.03
N LEU A 44 -1.58 8.95 -0.20
CA LEU A 44 -0.28 9.01 -0.87
C LEU A 44 -0.45 8.96 -2.38
N ALA A 45 -1.44 8.20 -2.83
CA ALA A 45 -1.71 8.06 -4.26
C ALA A 45 -1.90 9.42 -4.92
N LYS A 46 -2.36 10.39 -4.14
CA LYS A 46 -2.58 11.74 -4.65
C LYS A 46 -1.28 12.53 -4.70
N LYS A 47 -0.33 12.15 -3.85
CA LYS A 47 0.97 12.82 -3.80
C LYS A 47 1.90 12.27 -4.87
N GLY A 48 1.60 11.06 -5.35
CA GLY A 48 2.42 10.43 -6.37
C GLY A 48 3.39 9.42 -5.79
N LYS A 49 3.01 8.79 -4.69
CA LYS A 49 3.85 7.80 -4.05
C LYS A 49 3.20 6.43 -4.09
N LEU A 50 1.89 6.40 -4.31
CA LEU A 50 1.15 5.15 -4.38
C LEU A 50 0.46 4.98 -5.73
N GLN A 51 0.12 3.75 -6.08
CA GLN A 51 -0.54 3.46 -7.35
C GLN A 51 -1.55 2.34 -7.19
N LYS A 52 -2.61 2.38 -7.99
CA LYS A 52 -3.65 1.37 -7.95
C LYS A 52 -3.80 0.68 -9.30
N GLU A 53 -3.26 -0.52 -9.41
CA GLU A 53 -3.33 -1.28 -10.65
C GLU A 53 -4.76 -1.73 -10.92
N ALA A 54 -5.52 -0.87 -11.59
CA ALA A 54 -6.91 -1.18 -11.92
C ALA A 54 -7.03 -1.74 -13.34
N GLY A 55 -6.62 -2.98 -13.52
CA GLY A 55 -6.69 -3.61 -14.84
C GLY A 55 -6.74 -5.13 -14.75
N THR A 56 -5.94 -5.79 -15.58
CA THR A 56 -5.90 -7.24 -15.61
C THR A 56 -5.52 -7.81 -14.24
N PRO A 57 -4.32 -7.46 -13.78
CA PRO A 57 -3.81 -7.91 -12.48
C PRO A 57 -4.55 -7.28 -11.31
N PRO A 58 -5.37 -8.10 -10.63
CA PRO A 58 -6.15 -7.64 -9.47
C PRO A 58 -5.28 -7.33 -8.26
N LEU A 59 -4.77 -6.12 -8.20
CA LEU A 59 -3.91 -5.69 -7.09
C LEU A 59 -3.51 -4.23 -7.24
N TRP A 60 -2.76 -3.73 -6.26
CA TRP A 60 -2.31 -2.34 -6.29
C TRP A 60 -0.81 -2.27 -6.56
N LYS A 61 -0.31 -1.06 -6.78
CA LYS A 61 1.10 -0.84 -7.06
C LYS A 61 1.68 0.24 -6.15
N ILE A 62 3.00 0.38 -6.17
CA ILE A 62 3.67 1.38 -5.34
C ILE A 62 4.42 2.38 -6.21
N ALA A 63 4.91 3.45 -5.58
CA ALA A 63 5.65 4.49 -6.28
C ALA A 63 6.60 5.22 -5.35
N TYR A 1 8.47 11.26 9.87
CA TYR A 1 7.94 9.97 9.44
C TYR A 1 7.86 9.00 10.61
N GLN A 2 7.09 9.37 11.62
CA GLN A 2 6.92 8.52 12.81
C GLN A 2 6.71 7.07 12.42
N ASP A 3 6.59 6.20 13.42
CA ASP A 3 6.38 4.78 13.18
C ASP A 3 5.47 4.56 11.97
N GLN A 4 4.52 5.47 11.78
CA GLN A 4 3.58 5.37 10.67
C GLN A 4 4.31 5.09 9.36
N GLU A 5 5.41 5.81 9.14
CA GLU A 5 6.19 5.64 7.92
C GLU A 5 7.11 4.43 8.04
N GLN A 6 7.55 4.14 9.26
CA GLN A 6 8.43 3.02 9.50
C GLN A 6 7.71 1.69 9.28
N ARG A 7 6.39 1.71 9.48
CA ARG A 7 5.58 0.51 9.30
C ARG A 7 5.29 0.27 7.82
N ILE A 8 4.68 1.25 7.17
CA ILE A 8 4.35 1.14 5.75
C ILE A 8 5.60 0.86 4.91
N LEU A 9 6.72 1.42 5.35
CA LEU A 9 7.99 1.24 4.64
C LEU A 9 8.48 -0.20 4.78
N LYS A 10 8.47 -0.72 6.00
CA LYS A 10 8.91 -2.09 6.26
C LYS A 10 7.92 -3.10 5.69
N PHE A 11 6.70 -2.64 5.43
CA PHE A 11 5.67 -3.51 4.88
C PHE A 11 5.95 -3.85 3.41
N LEU A 12 6.18 -2.81 2.61
CA LEU A 12 6.47 -2.99 1.19
C LEU A 12 7.77 -3.76 0.99
N GLU A 13 8.75 -3.49 1.86
CA GLU A 13 10.04 -4.16 1.78
C GLU A 13 9.96 -5.57 2.36
N GLU A 14 8.92 -5.82 3.14
CA GLU A 14 8.73 -7.14 3.75
C GLU A 14 8.25 -8.15 2.73
N LEU A 15 7.72 -7.65 1.60
CA LEU A 15 7.22 -8.52 0.54
C LEU A 15 8.04 -8.35 -0.73
N GLY A 16 8.56 -7.14 -0.93
CA GLY A 16 9.37 -6.87 -2.11
C GLY A 16 9.50 -5.39 -2.40
N GLU A 17 10.72 -4.88 -2.33
CA GLU A 17 10.97 -3.47 -2.58
C GLU A 17 10.82 -3.14 -4.06
N GLY A 18 10.04 -2.11 -4.36
CA GLY A 18 9.82 -1.71 -5.73
C GLY A 18 8.79 -2.58 -6.43
N LYS A 19 7.94 -3.23 -5.66
CA LYS A 19 6.90 -4.11 -6.20
C LYS A 19 5.52 -3.63 -5.78
N ALA A 20 4.51 -4.45 -6.07
CA ALA A 20 3.13 -4.13 -5.71
C ALA A 20 2.65 -4.98 -4.54
N THR A 21 1.44 -4.68 -4.07
CA THR A 21 0.87 -5.41 -2.95
C THR A 21 -0.66 -5.41 -3.02
N THR A 22 -1.29 -6.15 -2.11
CA THR A 22 -2.75 -6.23 -2.07
C THR A 22 -3.27 -5.89 -0.68
N ALA A 23 -4.50 -5.40 -0.63
CA ALA A 23 -5.13 -5.03 0.64
C ALA A 23 -5.06 -6.18 1.64
N HIS A 24 -5.18 -7.41 1.13
CA HIS A 24 -5.13 -8.59 1.98
C HIS A 24 -3.89 -8.58 2.85
N ASP A 25 -2.76 -8.16 2.27
CA ASP A 25 -1.50 -8.10 3.00
C ASP A 25 -1.42 -6.83 3.85
N LEU A 26 -2.00 -5.75 3.34
CA LEU A 26 -1.99 -4.47 4.05
C LEU A 26 -2.76 -4.57 5.36
N SER A 27 -4.03 -4.95 5.25
CA SER A 27 -4.88 -5.09 6.44
C SER A 27 -4.41 -6.25 7.32
N GLY A 28 -3.73 -7.21 6.70
CA GLY A 28 -3.24 -8.36 7.44
C GLY A 28 -2.01 -8.03 8.27
N LYS A 29 -1.05 -7.35 7.65
CA LYS A 29 0.18 -6.97 8.34
C LYS A 29 -0.02 -5.71 9.17
N LEU A 30 -0.48 -4.65 8.53
CA LEU A 30 -0.72 -3.38 9.21
C LEU A 30 -1.84 -3.52 10.23
N GLY A 31 -2.68 -4.53 10.05
CA GLY A 31 -3.79 -4.75 10.97
C GLY A 31 -4.83 -3.66 10.89
N THR A 32 -4.81 -2.90 9.81
CA THR A 32 -5.77 -1.81 9.62
C THR A 32 -6.92 -2.23 8.72
N PRO A 33 -8.04 -1.50 8.80
CA PRO A 33 -9.22 -1.79 7.99
C PRO A 33 -9.02 -1.47 6.52
N LYS A 34 -9.56 -2.31 5.66
CA LYS A 34 -9.44 -2.13 4.22
C LYS A 34 -9.97 -0.75 3.80
N LYS A 35 -10.87 -0.20 4.60
CA LYS A 35 -11.44 1.11 4.32
C LYS A 35 -10.41 2.22 4.52
N GLU A 36 -9.42 1.95 5.38
CA GLU A 36 -8.37 2.93 5.65
C GLU A 36 -7.27 2.83 4.60
N ILE A 37 -6.66 1.65 4.49
CA ILE A 37 -5.59 1.44 3.53
C ILE A 37 -6.02 1.83 2.12
N ALA A 38 -7.30 1.63 1.83
CA ALA A 38 -7.85 1.97 0.52
C ALA A 38 -7.97 3.48 0.34
N ARG A 39 -8.15 4.19 1.45
CA ARG A 39 -8.28 5.64 1.42
C ARG A 39 -6.91 6.31 1.46
N VAL A 40 -6.15 6.03 2.52
CA VAL A 40 -4.82 6.61 2.67
C VAL A 40 -3.98 6.41 1.41
N LEU A 41 -4.00 5.19 0.88
CA LEU A 41 -3.24 4.87 -0.32
C LEU A 41 -3.71 5.72 -1.50
N ALA A 42 -4.99 6.04 -1.52
CA ALA A 42 -5.56 6.85 -2.59
C ALA A 42 -5.14 8.32 -2.44
N SER A 43 -4.74 8.70 -1.23
CA SER A 43 -4.32 10.07 -0.96
C SER A 43 -2.88 10.30 -1.40
N LEU A 44 -1.98 9.49 -0.84
CA LEU A 44 -0.56 9.61 -1.17
C LEU A 44 -0.32 9.39 -2.66
N ALA A 45 -0.85 8.29 -3.19
CA ALA A 45 -0.71 7.97 -4.60
C ALA A 45 -1.12 9.16 -5.48
N LYS A 46 -2.01 9.99 -4.95
CA LYS A 46 -2.49 11.16 -5.68
C LYS A 46 -1.34 12.09 -6.04
N LYS A 47 -0.23 11.94 -5.32
CA LYS A 47 0.95 12.76 -5.57
C LYS A 47 1.84 12.14 -6.64
N GLY A 48 1.57 10.88 -6.97
CA GLY A 48 2.35 10.19 -7.98
C GLY A 48 3.36 9.24 -7.37
N LYS A 49 3.36 9.14 -6.05
CA LYS A 49 4.29 8.26 -5.35
C LYS A 49 3.75 6.83 -5.29
N LEU A 50 2.47 6.68 -5.55
CA LEU A 50 1.82 5.37 -5.53
C LEU A 50 0.85 5.22 -6.68
N GLN A 51 0.25 4.05 -6.80
CA GLN A 51 -0.72 3.77 -7.86
C GLN A 51 -1.69 2.68 -7.45
N LYS A 52 -2.90 2.74 -7.99
CA LYS A 52 -3.94 1.77 -7.68
C LYS A 52 -4.34 0.98 -8.92
N GLU A 53 -3.82 -0.24 -9.03
CA GLU A 53 -4.12 -1.10 -10.17
C GLU A 53 -5.57 -1.59 -10.12
N ALA A 54 -6.49 -0.75 -10.59
CA ALA A 54 -7.90 -1.10 -10.59
C ALA A 54 -8.34 -1.59 -11.97
N GLY A 55 -7.97 -2.82 -12.29
CA GLY A 55 -8.32 -3.39 -13.59
C GLY A 55 -8.21 -4.91 -13.60
N THR A 56 -7.62 -5.43 -14.66
CA THR A 56 -7.45 -6.88 -14.79
C THR A 56 -6.74 -7.48 -13.58
N PRO A 57 -5.50 -7.06 -13.35
CA PRO A 57 -4.69 -7.52 -12.21
C PRO A 57 -5.21 -7.00 -10.88
N PRO A 58 -5.79 -7.90 -10.07
CA PRO A 58 -6.33 -7.55 -8.76
C PRO A 58 -5.24 -7.21 -7.75
N LEU A 59 -4.85 -5.94 -7.71
CA LEU A 59 -3.81 -5.48 -6.79
C LEU A 59 -3.54 -4.00 -6.98
N TRP A 60 -2.55 -3.49 -6.25
CA TRP A 60 -2.20 -2.07 -6.32
C TRP A 60 -0.98 -1.87 -7.21
N LYS A 61 -0.43 -0.66 -7.17
CA LYS A 61 0.76 -0.33 -7.96
C LYS A 61 1.62 0.72 -7.25
N ILE A 62 2.86 0.86 -7.72
CA ILE A 62 3.78 1.82 -7.13
C ILE A 62 4.14 2.92 -8.13
N ALA A 63 4.47 4.10 -7.62
CA ALA A 63 4.84 5.23 -8.47
C ALA A 63 5.62 6.27 -7.68
N TYR A 1 12.23 8.64 10.90
CA TYR A 1 11.50 9.14 12.05
C TYR A 1 11.26 8.03 13.08
N GLN A 2 10.72 8.39 14.23
CA GLN A 2 10.44 7.43 15.29
C GLN A 2 9.79 6.18 14.73
N ASP A 3 9.47 5.24 15.60
CA ASP A 3 8.83 3.99 15.19
C ASP A 3 7.94 4.20 13.97
N GLN A 4 7.23 5.34 13.96
CA GLN A 4 6.34 5.66 12.85
C GLN A 4 7.01 5.37 11.51
N GLU A 5 8.23 5.84 11.35
CA GLU A 5 8.99 5.64 10.12
C GLU A 5 9.47 4.20 10.01
N GLN A 6 9.91 3.65 11.14
CA GLN A 6 10.41 2.28 11.17
C GLN A 6 9.32 1.29 10.75
N ARG A 7 8.07 1.67 10.98
CA ARG A 7 6.94 0.82 10.63
C ARG A 7 6.68 0.86 9.12
N ILE A 8 6.46 2.05 8.60
CA ILE A 8 6.20 2.23 7.17
C ILE A 8 7.32 1.63 6.33
N LEU A 9 8.51 1.55 6.92
CA LEU A 9 9.67 0.99 6.23
C LEU A 9 9.61 -0.53 6.20
N LYS A 10 9.23 -1.13 7.33
CA LYS A 10 9.13 -2.58 7.42
C LYS A 10 7.82 -3.07 6.82
N PHE A 11 6.90 -2.14 6.57
CA PHE A 11 5.61 -2.49 5.98
C PHE A 11 5.70 -2.61 4.47
N LEU A 12 6.02 -1.51 3.81
CA LEU A 12 6.15 -1.48 2.35
C LEU A 12 7.25 -2.44 1.90
N GLU A 13 8.19 -2.73 2.78
CA GLU A 13 9.28 -3.63 2.46
C GLU A 13 8.89 -5.08 2.72
N GLU A 14 8.00 -5.29 3.69
CA GLU A 14 7.53 -6.62 4.04
C GLU A 14 6.99 -7.34 2.81
N LEU A 15 6.30 -6.60 1.95
CA LEU A 15 5.72 -7.16 0.74
C LEU A 15 6.74 -7.20 -0.39
N GLY A 16 7.52 -6.12 -0.52
CA GLY A 16 8.52 -6.05 -1.56
C GLY A 16 8.98 -4.63 -1.83
N GLU A 17 10.25 -4.36 -1.59
CA GLU A 17 10.80 -3.03 -1.82
C GLU A 17 10.67 -2.63 -3.28
N GLY A 18 9.83 -1.63 -3.55
CA GLY A 18 9.63 -1.16 -4.90
C GLY A 18 8.76 -2.10 -5.72
N LYS A 19 7.95 -2.90 -5.03
CA LYS A 19 7.07 -3.85 -5.68
C LYS A 19 5.61 -3.48 -5.45
N ALA A 20 4.70 -4.38 -5.82
CA ALA A 20 3.28 -4.15 -5.66
C ALA A 20 2.72 -4.99 -4.52
N THR A 21 1.44 -4.79 -4.21
CA THR A 21 0.78 -5.52 -3.14
C THR A 21 -0.74 -5.44 -3.26
N THR A 22 -1.44 -6.10 -2.35
CA THR A 22 -2.89 -6.10 -2.36
C THR A 22 -3.46 -5.68 -1.01
N ALA A 23 -4.60 -5.00 -1.03
CA ALA A 23 -5.24 -4.54 0.19
C ALA A 23 -5.40 -5.68 1.19
N HIS A 24 -5.61 -6.88 0.67
CA HIS A 24 -5.78 -8.06 1.52
C HIS A 24 -4.54 -8.30 2.37
N ASP A 25 -3.38 -8.01 1.81
CA ASP A 25 -2.12 -8.19 2.51
C ASP A 25 -1.84 -7.03 3.45
N LEU A 26 -2.03 -5.81 2.95
CA LEU A 26 -1.81 -4.61 3.75
C LEU A 26 -2.73 -4.58 4.96
N SER A 27 -4.00 -4.92 4.74
CA SER A 27 -4.99 -4.93 5.82
C SER A 27 -4.68 -6.04 6.82
N GLY A 28 -3.86 -7.01 6.40
CA GLY A 28 -3.51 -8.10 7.28
C GLY A 28 -2.31 -7.79 8.15
N LYS A 29 -1.21 -7.40 7.53
CA LYS A 29 0.01 -7.07 8.25
C LYS A 29 -0.22 -5.88 9.18
N LEU A 30 -0.81 -4.82 8.65
CA LEU A 30 -1.08 -3.63 9.44
C LEU A 30 -2.36 -3.79 10.26
N GLY A 31 -3.22 -4.72 9.83
CA GLY A 31 -4.46 -4.96 10.54
C GLY A 31 -5.50 -3.90 10.26
N THR A 32 -5.15 -2.94 9.40
CA THR A 32 -6.08 -1.86 9.06
C THR A 32 -7.25 -2.38 8.25
N PRO A 33 -8.36 -1.61 8.26
CA PRO A 33 -9.58 -1.98 7.53
C PRO A 33 -9.40 -1.86 6.02
N LYS A 34 -10.29 -2.52 5.27
CA LYS A 34 -10.23 -2.49 3.82
C LYS A 34 -10.45 -1.07 3.30
N LYS A 35 -11.10 -0.24 4.11
CA LYS A 35 -11.36 1.15 3.73
C LYS A 35 -10.15 2.03 4.01
N GLU A 36 -9.29 1.56 4.90
CA GLU A 36 -8.09 2.31 5.26
C GLU A 36 -7.10 2.35 4.10
N ILE A 37 -6.58 1.20 3.73
CA ILE A 37 -5.63 1.11 2.62
C ILE A 37 -6.27 1.52 1.30
N ALA A 38 -7.58 1.38 1.22
CA ALA A 38 -8.31 1.75 0.01
C ALA A 38 -8.40 3.27 -0.14
N ARG A 39 -8.42 3.97 0.99
CA ARG A 39 -8.50 5.43 0.99
C ARG A 39 -7.14 6.04 0.66
N VAL A 40 -6.12 5.61 1.38
CA VAL A 40 -4.76 6.12 1.17
C VAL A 40 -4.31 5.89 -0.27
N LEU A 41 -4.72 4.77 -0.85
CA LEU A 41 -4.37 4.43 -2.22
C LEU A 41 -5.03 5.39 -3.21
N ALA A 42 -6.30 5.67 -2.98
CA ALA A 42 -7.04 6.58 -3.85
C ALA A 42 -6.61 8.02 -3.63
N SER A 43 -6.08 8.31 -2.45
CA SER A 43 -5.65 9.65 -2.10
C SER A 43 -4.24 9.92 -2.65
N LEU A 44 -3.29 9.09 -2.25
CA LEU A 44 -1.91 9.23 -2.71
C LEU A 44 -1.83 9.19 -4.23
N ALA A 45 -2.63 8.31 -4.84
CA ALA A 45 -2.65 8.17 -6.28
C ALA A 45 -2.92 9.52 -6.96
N LYS A 46 -3.67 10.38 -6.28
CA LYS A 46 -3.99 11.69 -6.81
C LYS A 46 -2.73 12.54 -6.98
N LYS A 47 -1.74 12.30 -6.12
CA LYS A 47 -0.49 13.04 -6.17
C LYS A 47 0.38 12.55 -7.33
N GLY A 48 0.14 11.33 -7.78
CA GLY A 48 0.90 10.77 -8.87
C GLY A 48 2.06 9.91 -8.40
N LYS A 49 1.99 9.46 -7.15
CA LYS A 49 3.05 8.64 -6.58
C LYS A 49 2.54 7.22 -6.32
N LEU A 50 1.23 7.08 -6.16
CA LEU A 50 0.62 5.77 -5.90
C LEU A 50 -0.09 5.26 -7.16
N GLN A 51 -0.36 3.96 -7.18
CA GLN A 51 -1.04 3.33 -8.31
C GLN A 51 -1.86 2.14 -7.86
N LYS A 52 -2.94 1.86 -8.58
CA LYS A 52 -3.81 0.74 -8.26
C LYS A 52 -4.28 0.03 -9.53
N GLU A 53 -3.72 -1.16 -9.77
CA GLU A 53 -4.07 -1.94 -10.95
C GLU A 53 -5.51 -2.43 -10.87
N ALA A 54 -6.42 -1.65 -11.47
CA ALA A 54 -7.84 -2.00 -11.47
C ALA A 54 -8.23 -2.70 -12.76
N GLY A 55 -7.84 -3.97 -12.89
CA GLY A 55 -8.16 -4.73 -14.08
C GLY A 55 -8.14 -6.22 -13.83
N THR A 56 -7.52 -6.96 -14.75
CA THR A 56 -7.43 -8.41 -14.64
C THR A 56 -6.76 -8.82 -13.33
N PRO A 57 -5.48 -8.44 -13.18
CA PRO A 57 -4.69 -8.76 -11.98
C PRO A 57 -5.17 -7.98 -10.76
N PRO A 58 -5.80 -8.68 -9.81
CA PRO A 58 -6.31 -8.07 -8.58
C PRO A 58 -5.19 -7.63 -7.65
N LEU A 59 -4.74 -6.39 -7.81
CA LEU A 59 -3.68 -5.84 -6.97
C LEU A 59 -3.41 -4.38 -7.31
N TRP A 60 -2.57 -3.74 -6.52
CA TRP A 60 -2.24 -2.33 -6.73
C TRP A 60 -0.90 -2.20 -7.45
N LYS A 61 -0.45 -0.96 -7.62
CA LYS A 61 0.82 -0.69 -8.29
C LYS A 61 1.56 0.45 -7.60
N ILE A 62 2.83 0.65 -8.00
CA ILE A 62 3.65 1.70 -7.41
C ILE A 62 4.00 2.75 -8.46
N ALA A 63 4.09 4.00 -8.02
CA ALA A 63 4.43 5.11 -8.92
C ALA A 63 5.58 5.93 -8.36
N TYR A 1 7.85 8.73 8.51
CA TYR A 1 7.17 9.11 9.75
C TYR A 1 7.51 8.13 10.87
N GLN A 2 6.98 8.41 12.06
CA GLN A 2 7.22 7.56 13.22
C GLN A 2 7.07 6.09 12.85
N ASP A 3 7.24 5.21 13.83
CA ASP A 3 7.13 3.78 13.61
C ASP A 3 6.06 3.48 12.56
N GLN A 4 4.99 4.26 12.57
CA GLN A 4 3.90 4.07 11.61
C GLN A 4 4.45 3.87 10.20
N GLU A 5 5.37 4.74 9.81
CA GLU A 5 5.97 4.65 8.48
C GLU A 5 7.00 3.52 8.41
N GLN A 6 7.76 3.36 9.48
CA GLN A 6 8.77 2.31 9.55
C GLN A 6 8.15 0.93 9.35
N ARG A 7 6.93 0.76 9.86
CA ARG A 7 6.23 -0.51 9.74
C ARG A 7 5.77 -0.74 8.31
N ILE A 8 4.92 0.14 7.83
CA ILE A 8 4.39 0.04 6.46
C ILE A 8 5.53 -0.09 5.46
N LEU A 9 6.65 0.53 5.76
CA LEU A 9 7.82 0.50 4.88
C LEU A 9 8.41 -0.91 4.82
N LYS A 10 8.52 -1.56 5.97
CA LYS A 10 9.06 -2.90 6.05
C LYS A 10 8.06 -3.92 5.53
N PHE A 11 6.79 -3.54 5.48
CA PHE A 11 5.73 -4.42 5.01
C PHE A 11 5.83 -4.61 3.50
N LEU A 12 5.99 -3.50 2.77
CA LEU A 12 6.09 -3.54 1.32
C LEU A 12 7.41 -4.17 0.89
N GLU A 13 8.48 -3.90 1.64
CA GLU A 13 9.79 -4.45 1.33
C GLU A 13 9.89 -5.91 1.77
N GLU A 14 8.98 -6.32 2.64
CA GLU A 14 8.96 -7.69 3.15
C GLU A 14 8.66 -8.67 2.02
N LEU A 15 8.08 -8.17 0.94
CA LEU A 15 7.74 -9.01 -0.21
C LEU A 15 8.51 -8.57 -1.45
N GLY A 16 8.92 -7.30 -1.46
CA GLY A 16 9.67 -6.78 -2.59
C GLY A 16 9.66 -5.26 -2.63
N GLU A 17 10.84 -4.67 -2.42
CA GLU A 17 10.97 -3.21 -2.43
C GLU A 17 10.64 -2.65 -3.82
N GLY A 18 9.55 -1.91 -3.91
CA GLY A 18 9.15 -1.32 -5.17
C GLY A 18 8.19 -2.21 -5.95
N LYS A 19 7.50 -3.09 -5.24
CA LYS A 19 6.54 -3.99 -5.86
C LYS A 19 5.11 -3.51 -5.65
N ALA A 20 4.15 -4.33 -6.06
CA ALA A 20 2.74 -3.98 -5.92
C ALA A 20 2.08 -4.80 -4.82
N THR A 21 0.98 -4.28 -4.28
CA THR A 21 0.26 -4.96 -3.21
C THR A 21 -1.19 -4.50 -3.15
N THR A 22 -1.97 -5.13 -2.28
CA THR A 22 -3.38 -4.79 -2.12
C THR A 22 -3.72 -4.48 -0.67
N ALA A 23 -4.89 -3.91 -0.45
CA ALA A 23 -5.34 -3.56 0.90
C ALA A 23 -5.56 -4.82 1.74
N HIS A 24 -6.00 -5.89 1.10
CA HIS A 24 -6.25 -7.15 1.78
C HIS A 24 -5.02 -7.61 2.55
N ASP A 25 -3.87 -7.56 1.89
CA ASP A 25 -2.62 -7.96 2.51
C ASP A 25 -2.17 -6.95 3.56
N LEU A 26 -2.42 -5.67 3.30
CA LEU A 26 -2.06 -4.61 4.21
C LEU A 26 -2.79 -4.75 5.54
N SER A 27 -4.12 -4.67 5.47
CA SER A 27 -4.96 -4.79 6.67
C SER A 27 -4.85 -6.18 7.27
N GLY A 28 -4.39 -7.14 6.46
CA GLY A 28 -4.26 -8.50 6.93
C GLY A 28 -3.14 -8.66 7.94
N LYS A 29 -1.97 -8.12 7.61
CA LYS A 29 -0.81 -8.19 8.49
C LYS A 29 -0.74 -6.97 9.41
N LEU A 30 -0.83 -5.79 8.81
CA LEU A 30 -0.77 -4.54 9.57
C LEU A 30 -1.97 -4.42 10.51
N GLY A 31 -3.03 -5.19 10.23
CA GLY A 31 -4.22 -5.16 11.05
C GLY A 31 -4.87 -3.79 11.08
N THR A 32 -4.58 -2.98 10.06
CA THR A 32 -5.14 -1.64 9.99
C THR A 32 -6.48 -1.64 9.25
N PRO A 33 -7.28 -0.59 9.47
CA PRO A 33 -8.59 -0.44 8.84
C PRO A 33 -8.49 -0.18 7.34
N LYS A 34 -9.22 -0.96 6.55
CA LYS A 34 -9.22 -0.81 5.10
C LYS A 34 -9.54 0.62 4.70
N LYS A 35 -10.48 1.23 5.41
CA LYS A 35 -10.89 2.61 5.13
C LYS A 35 -9.69 3.54 5.19
N GLU A 36 -8.64 3.12 5.88
CA GLU A 36 -7.43 3.92 6.01
C GLU A 36 -6.51 3.71 4.82
N ILE A 37 -5.99 2.49 4.69
CA ILE A 37 -5.08 2.14 3.60
C ILE A 37 -5.74 2.41 2.25
N ALA A 38 -7.07 2.36 2.22
CA ALA A 38 -7.81 2.60 0.99
C ALA A 38 -7.98 4.10 0.72
N ARG A 39 -7.91 4.88 1.79
CA ARG A 39 -8.05 6.33 1.67
C ARG A 39 -6.72 6.97 1.29
N VAL A 40 -5.63 6.45 1.86
CA VAL A 40 -4.30 6.97 1.58
C VAL A 40 -3.83 6.57 0.19
N LEU A 41 -4.20 5.37 -0.24
CA LEU A 41 -3.81 4.87 -1.55
C LEU A 41 -4.47 5.69 -2.66
N ALA A 42 -5.69 6.14 -2.41
CA ALA A 42 -6.43 6.94 -3.38
C ALA A 42 -6.04 8.41 -3.29
N SER A 43 -5.53 8.81 -2.13
CA SER A 43 -5.12 10.20 -1.90
C SER A 43 -3.74 10.45 -2.48
N LEU A 44 -2.87 9.44 -2.39
CA LEU A 44 -1.52 9.55 -2.90
C LEU A 44 -1.46 9.26 -4.40
N ALA A 45 -2.21 8.26 -4.83
CA ALA A 45 -2.26 7.87 -6.24
C ALA A 45 -2.80 9.01 -7.09
N LYS A 46 -3.64 9.84 -6.49
CA LYS A 46 -4.23 10.99 -7.19
C LYS A 46 -3.29 12.17 -7.20
N LYS A 47 -2.18 12.06 -6.47
CA LYS A 47 -1.19 13.13 -6.39
C LYS A 47 0.01 12.81 -7.27
N GLY A 48 0.12 11.55 -7.70
CA GLY A 48 1.22 11.15 -8.54
C GLY A 48 2.31 10.43 -7.76
N LYS A 49 1.92 9.77 -6.68
CA LYS A 49 2.87 9.04 -5.84
C LYS A 49 2.57 7.54 -5.85
N LEU A 50 1.32 7.20 -6.15
CA LEU A 50 0.90 5.80 -6.19
C LEU A 50 0.29 5.47 -7.55
N GLN A 51 0.24 4.17 -7.87
CA GLN A 51 -0.33 3.72 -9.13
C GLN A 51 -1.33 2.59 -8.90
N LYS A 52 -2.62 2.92 -9.03
CA LYS A 52 -3.67 1.95 -8.84
C LYS A 52 -3.85 1.08 -10.09
N GLU A 53 -3.38 -0.16 -10.00
CA GLU A 53 -3.50 -1.09 -11.12
C GLU A 53 -4.85 -1.80 -11.12
N ALA A 54 -5.82 -1.18 -11.77
CA ALA A 54 -7.16 -1.75 -11.85
C ALA A 54 -7.36 -2.52 -13.15
N GLY A 55 -6.77 -3.70 -13.23
CA GLY A 55 -6.88 -4.52 -14.43
C GLY A 55 -6.64 -5.99 -14.15
N THR A 56 -5.85 -6.63 -15.02
CA THR A 56 -5.54 -8.05 -14.86
C THR A 56 -4.94 -8.33 -13.48
N PRO A 57 -3.80 -7.70 -13.20
CA PRO A 57 -3.10 -7.88 -11.92
C PRO A 57 -3.85 -7.23 -10.76
N PRO A 58 -4.42 -8.08 -9.89
CA PRO A 58 -5.18 -7.61 -8.71
C PRO A 58 -4.28 -6.97 -7.66
N LEU A 59 -3.92 -5.71 -7.89
CA LEU A 59 -3.07 -4.97 -6.97
C LEU A 59 -2.71 -3.60 -7.53
N TRP A 60 -1.85 -2.88 -6.82
CA TRP A 60 -1.41 -1.55 -7.25
C TRP A 60 0.08 -1.37 -7.01
N LYS A 61 0.71 -0.56 -7.86
CA LYS A 61 2.14 -0.29 -7.74
C LYS A 61 2.38 1.07 -7.10
N ILE A 62 3.64 1.34 -6.75
CA ILE A 62 4.01 2.60 -6.13
C ILE A 62 4.76 3.50 -7.11
N ALA A 63 4.98 4.75 -6.71
CA ALA A 63 5.70 5.70 -7.54
C ALA A 63 6.55 6.64 -6.71
N TYR A 1 5.54 8.91 10.20
CA TYR A 1 5.37 9.19 11.62
C TYR A 1 6.43 8.46 12.44
N GLN A 2 6.38 8.64 13.76
CA GLN A 2 7.33 7.99 14.66
C GLN A 2 7.56 6.54 14.27
N ASP A 3 8.40 5.85 15.03
CA ASP A 3 8.69 4.44 14.76
C ASP A 3 7.45 3.71 14.27
N GLN A 4 6.29 4.11 14.78
CA GLN A 4 5.03 3.49 14.39
C GLN A 4 4.92 3.38 12.87
N GLU A 5 5.29 4.45 12.18
CA GLU A 5 5.23 4.48 10.73
C GLU A 5 6.43 3.73 10.12
N GLN A 6 7.61 3.98 10.69
CA GLN A 6 8.82 3.35 10.20
C GLN A 6 8.71 1.82 10.28
N ARG A 7 7.95 1.35 11.25
CA ARG A 7 7.77 -0.09 11.44
C ARG A 7 6.82 -0.65 10.37
N ILE A 8 5.62 -0.09 10.30
CA ILE A 8 4.63 -0.54 9.32
C ILE A 8 5.15 -0.37 7.90
N LEU A 9 5.91 0.69 7.67
CA LEU A 9 6.47 0.96 6.35
C LEU A 9 7.49 -0.12 5.97
N LYS A 10 8.30 -0.53 6.93
CA LYS A 10 9.32 -1.55 6.70
C LYS A 10 8.67 -2.92 6.51
N PHE A 11 7.46 -3.08 7.04
CA PHE A 11 6.75 -4.34 6.93
C PHE A 11 6.30 -4.59 5.50
N LEU A 12 5.49 -3.67 4.96
CA LEU A 12 4.99 -3.79 3.61
C LEU A 12 6.14 -3.88 2.60
N GLU A 13 7.18 -3.08 2.84
CA GLU A 13 8.34 -3.06 1.97
C GLU A 13 9.17 -4.32 2.13
N GLU A 14 8.97 -5.01 3.25
CA GLU A 14 9.70 -6.24 3.54
C GLU A 14 9.46 -7.29 2.46
N LEU A 15 8.33 -7.17 1.77
CA LEU A 15 7.96 -8.10 0.71
C LEU A 15 8.72 -7.77 -0.58
N GLY A 16 8.90 -6.49 -0.85
CA GLY A 16 9.61 -6.08 -2.05
C GLY A 16 9.30 -4.64 -2.43
N GLU A 17 9.96 -3.70 -1.75
CA GLU A 17 9.76 -2.28 -2.02
C GLU A 17 9.86 -1.99 -3.52
N GLY A 18 8.88 -1.27 -4.05
CA GLY A 18 8.88 -0.93 -5.46
C GLY A 18 8.14 -1.96 -6.30
N LYS A 19 7.33 -2.78 -5.64
CA LYS A 19 6.56 -3.81 -6.33
C LYS A 19 5.07 -3.55 -6.21
N ALA A 20 4.26 -4.48 -6.70
CA ALA A 20 2.81 -4.36 -6.64
C ALA A 20 2.22 -5.30 -5.59
N THR A 21 1.17 -4.83 -4.92
CA THR A 21 0.51 -5.63 -3.89
C THR A 21 -0.97 -5.29 -3.78
N THR A 22 -1.67 -5.98 -2.90
CA THR A 22 -3.10 -5.76 -2.71
C THR A 22 -3.37 -5.07 -1.38
N ALA A 23 -4.51 -4.38 -1.29
CA ALA A 23 -4.88 -3.67 -0.08
C ALA A 23 -5.39 -4.64 0.98
N HIS A 24 -6.29 -5.54 0.58
CA HIS A 24 -6.85 -6.52 1.50
C HIS A 24 -5.74 -7.25 2.25
N ASP A 25 -4.59 -7.41 1.60
CA ASP A 25 -3.46 -8.09 2.21
C ASP A 25 -2.71 -7.16 3.16
N LEU A 26 -2.45 -5.94 2.70
CA LEU A 26 -1.74 -4.95 3.51
C LEU A 26 -2.51 -4.64 4.79
N SER A 27 -3.83 -4.53 4.66
CA SER A 27 -4.69 -4.22 5.80
C SER A 27 -4.37 -5.14 6.98
N GLY A 28 -4.17 -6.42 6.68
CA GLY A 28 -3.86 -7.40 7.71
C GLY A 28 -2.38 -7.48 8.01
N LYS A 29 -1.57 -6.95 7.10
CA LYS A 29 -0.12 -6.96 7.26
C LYS A 29 0.31 -6.03 8.38
N LEU A 30 -0.38 -4.90 8.51
CA LEU A 30 -0.07 -3.93 9.54
C LEU A 30 -1.16 -3.87 10.59
N GLY A 31 -2.36 -4.32 10.22
CA GLY A 31 -3.48 -4.31 11.14
C GLY A 31 -4.45 -3.17 10.88
N THR A 32 -4.17 -2.39 9.84
CA THR A 32 -5.01 -1.26 9.48
C THR A 32 -6.26 -1.73 8.73
N PRO A 33 -7.31 -0.90 8.76
CA PRO A 33 -8.58 -1.20 8.09
C PRO A 33 -8.46 -1.15 6.57
N LYS A 34 -9.45 -1.71 5.89
CA LYS A 34 -9.45 -1.73 4.42
C LYS A 34 -9.59 -0.32 3.86
N LYS A 35 -10.18 0.58 4.66
CA LYS A 35 -10.38 1.96 4.24
C LYS A 35 -9.11 2.78 4.48
N GLU A 36 -8.17 2.21 5.24
CA GLU A 36 -6.92 2.89 5.53
C GLU A 36 -5.95 2.81 4.35
N ILE A 37 -5.53 1.59 4.03
CA ILE A 37 -4.61 1.37 2.93
C ILE A 37 -5.24 1.76 1.60
N ALA A 38 -6.56 1.71 1.54
CA ALA A 38 -7.29 2.07 0.32
C ALA A 38 -7.27 3.57 0.10
N ARG A 39 -7.18 4.34 1.18
CA ARG A 39 -7.14 5.79 1.09
C ARG A 39 -5.72 6.29 0.87
N VAL A 40 -4.76 5.61 1.48
CA VAL A 40 -3.35 5.99 1.35
C VAL A 40 -2.86 5.78 -0.08
N LEU A 41 -3.19 4.63 -0.65
CA LEU A 41 -2.79 4.31 -2.01
C LEU A 41 -3.51 5.19 -3.02
N ALA A 42 -4.72 5.62 -2.67
CA ALA A 42 -5.52 6.48 -3.54
C ALA A 42 -5.03 7.92 -3.47
N SER A 43 -4.33 8.26 -2.39
CA SER A 43 -3.81 9.62 -2.21
C SER A 43 -2.50 9.81 -2.95
N LEU A 44 -1.70 8.74 -3.01
CA LEU A 44 -0.41 8.78 -3.69
C LEU A 44 -0.58 8.56 -5.19
N ALA A 45 -1.64 7.85 -5.56
CA ALA A 45 -1.92 7.56 -6.97
C ALA A 45 -2.43 8.80 -7.68
N LYS A 46 -2.89 9.78 -6.92
CA LYS A 46 -3.40 11.02 -7.48
C LYS A 46 -2.27 11.99 -7.77
N LYS A 47 -1.14 11.80 -7.10
CA LYS A 47 0.02 12.67 -7.29
C LYS A 47 0.98 12.06 -8.32
N GLY A 48 0.78 10.79 -8.63
CA GLY A 48 1.64 10.11 -9.60
C GLY A 48 2.70 9.27 -8.94
N LYS A 49 2.54 9.03 -7.64
CA LYS A 49 3.50 8.22 -6.89
C LYS A 49 3.04 6.77 -6.80
N LEU A 50 1.74 6.56 -6.94
CA LEU A 50 1.18 5.21 -6.89
C LEU A 50 0.34 4.92 -8.12
N GLN A 51 -0.05 3.65 -8.29
CA GLN A 51 -0.85 3.25 -9.43
C GLN A 51 -1.84 2.15 -9.04
N LYS A 52 -3.10 2.51 -8.90
CA LYS A 52 -4.14 1.55 -8.54
C LYS A 52 -4.66 0.82 -9.76
N GLU A 53 -4.21 -0.42 -9.95
CA GLU A 53 -4.64 -1.22 -11.09
C GLU A 53 -6.10 -1.64 -10.93
N ALA A 54 -7.00 -0.78 -11.39
CA ALA A 54 -8.43 -1.06 -11.31
C ALA A 54 -8.95 -1.66 -12.61
N GLY A 55 -8.63 -2.94 -12.82
CA GLY A 55 -9.07 -3.62 -14.03
C GLY A 55 -9.15 -5.12 -13.86
N THR A 56 -8.65 -5.85 -14.86
CA THR A 56 -8.67 -7.31 -14.82
C THR A 56 -7.88 -7.83 -13.63
N PRO A 57 -6.57 -7.52 -13.59
CA PRO A 57 -5.68 -7.94 -12.51
C PRO A 57 -5.98 -7.22 -11.20
N PRO A 58 -6.54 -7.98 -10.23
CA PRO A 58 -6.89 -7.44 -8.92
C PRO A 58 -5.65 -7.11 -8.08
N LEU A 59 -5.14 -5.90 -8.25
CA LEU A 59 -3.96 -5.46 -7.51
C LEU A 59 -3.58 -4.04 -7.90
N TRP A 60 -2.41 -3.59 -7.42
CA TRP A 60 -1.93 -2.24 -7.72
C TRP A 60 -0.41 -2.17 -7.57
N LYS A 61 0.20 -1.25 -8.31
CA LYS A 61 1.65 -1.06 -8.26
C LYS A 61 2.01 0.37 -7.89
N ILE A 62 3.29 0.60 -7.62
CA ILE A 62 3.76 1.93 -7.26
C ILE A 62 4.46 2.60 -8.44
N ALA A 63 4.76 3.89 -8.28
CA ALA A 63 5.44 4.64 -9.33
C ALA A 63 6.75 5.24 -8.82
N TYR A 1 4.46 9.89 5.70
CA TYR A 1 3.87 10.37 6.93
C TYR A 1 4.60 9.81 8.14
N GLN A 2 4.15 10.21 9.34
CA GLN A 2 4.77 9.74 10.57
C GLN A 2 5.01 8.24 10.53
N ASP A 3 5.56 7.70 11.61
CA ASP A 3 5.84 6.28 11.69
C ASP A 3 4.80 5.47 10.93
N GLN A 4 3.55 5.91 10.98
CA GLN A 4 2.46 5.24 10.30
C GLN A 4 2.86 4.87 8.88
N GLU A 5 3.44 5.82 8.16
CA GLU A 5 3.87 5.59 6.78
C GLU A 5 5.18 4.81 6.75
N GLN A 6 6.06 5.09 7.70
CA GLN A 6 7.35 4.42 7.77
C GLN A 6 7.17 2.92 7.99
N ARG A 7 6.10 2.55 8.68
CA ARG A 7 5.81 1.15 8.95
C ARG A 7 5.25 0.46 7.71
N ILE A 8 4.17 1.01 7.17
CA ILE A 8 3.53 0.44 5.99
C ILE A 8 4.49 0.43 4.81
N LEU A 9 5.49 1.32 4.85
CA LEU A 9 6.48 1.40 3.78
C LEU A 9 7.51 0.28 3.90
N LYS A 10 7.96 0.02 5.12
CA LYS A 10 8.94 -1.02 5.36
C LYS A 10 8.27 -2.39 5.44
N PHE A 11 6.95 -2.39 5.58
CA PHE A 11 6.19 -3.63 5.67
C PHE A 11 5.93 -4.21 4.28
N LEU A 12 5.19 -3.46 3.47
CA LEU A 12 4.87 -3.90 2.12
C LEU A 12 6.13 -4.12 1.29
N GLU A 13 7.21 -3.45 1.69
CA GLU A 13 8.49 -3.57 0.99
C GLU A 13 9.27 -4.77 1.51
N GLU A 14 9.10 -5.08 2.79
CA GLU A 14 9.79 -6.20 3.41
C GLU A 14 9.61 -7.47 2.59
N LEU A 15 8.41 -7.66 2.06
CA LEU A 15 8.10 -8.83 1.25
C LEU A 15 8.72 -8.72 -0.13
N GLY A 16 8.88 -7.49 -0.61
CA GLY A 16 9.46 -7.27 -1.92
C GLY A 16 9.73 -5.80 -2.20
N GLU A 17 10.95 -5.37 -1.92
CA GLU A 17 11.33 -3.97 -2.14
C GLU A 17 11.05 -3.56 -3.58
N GLY A 18 10.11 -2.63 -3.75
CA GLY A 18 9.76 -2.17 -5.08
C GLY A 18 8.83 -3.12 -5.81
N LYS A 19 8.11 -3.94 -5.05
CA LYS A 19 7.18 -4.90 -5.64
C LYS A 19 5.74 -4.43 -5.47
N ALA A 20 4.80 -5.28 -5.90
CA ALA A 20 3.39 -4.95 -5.79
C ALA A 20 2.66 -5.95 -4.88
N THR A 21 1.62 -5.47 -4.21
CA THR A 21 0.85 -6.31 -3.30
C THR A 21 -0.63 -5.95 -3.35
N THR A 22 -1.45 -6.70 -2.60
CA THR A 22 -2.88 -6.45 -2.56
C THR A 22 -3.29 -5.85 -1.22
N ALA A 23 -4.33 -5.02 -1.23
CA ALA A 23 -4.82 -4.38 -0.02
C ALA A 23 -5.08 -5.41 1.08
N HIS A 24 -5.68 -6.53 0.71
CA HIS A 24 -5.97 -7.60 1.66
C HIS A 24 -4.70 -8.28 2.13
N ASP A 25 -3.66 -8.21 1.30
CA ASP A 25 -2.37 -8.82 1.62
C ASP A 25 -1.55 -7.92 2.53
N LEU A 26 -1.58 -6.61 2.26
CA LEU A 26 -0.84 -5.65 3.05
C LEU A 26 -1.60 -5.31 4.34
N SER A 27 -2.88 -5.06 4.23
CA SER A 27 -3.71 -4.72 5.38
C SER A 27 -3.93 -5.94 6.26
N GLY A 28 -3.89 -7.12 5.64
CA GLY A 28 -4.09 -8.36 6.38
C GLY A 28 -2.84 -8.80 7.12
N LYS A 29 -1.68 -8.57 6.50
CA LYS A 29 -0.41 -8.94 7.11
C LYS A 29 -0.02 -7.97 8.22
N LEU A 30 -0.35 -6.70 8.03
CA LEU A 30 -0.04 -5.68 9.01
C LEU A 30 -1.07 -5.66 10.14
N GLY A 31 -2.25 -6.21 9.85
CA GLY A 31 -3.31 -6.25 10.84
C GLY A 31 -4.07 -4.94 10.94
N THR A 32 -4.03 -4.15 9.87
CA THR A 32 -4.71 -2.86 9.85
C THR A 32 -5.99 -2.94 9.01
N PRO A 33 -6.92 -2.00 9.26
CA PRO A 33 -8.19 -1.93 8.54
C PRO A 33 -8.02 -1.53 7.08
N LYS A 34 -8.89 -2.03 6.22
CA LYS A 34 -8.84 -1.70 4.79
C LYS A 34 -9.06 -0.21 4.57
N LYS A 35 -9.74 0.44 5.50
CA LYS A 35 -10.01 1.86 5.40
C LYS A 35 -8.73 2.68 5.60
N GLU A 36 -7.84 2.18 6.44
CA GLU A 36 -6.59 2.85 6.73
C GLU A 36 -5.63 2.73 5.54
N ILE A 37 -5.31 1.50 5.16
CA ILE A 37 -4.41 1.25 4.05
C ILE A 37 -4.88 1.97 2.79
N ALA A 38 -6.19 2.12 2.65
CA ALA A 38 -6.77 2.79 1.50
C ALA A 38 -6.61 4.30 1.61
N ARG A 39 -6.59 4.81 2.83
CA ARG A 39 -6.43 6.24 3.07
C ARG A 39 -5.05 6.71 2.66
N VAL A 40 -4.02 6.08 3.20
CA VAL A 40 -2.64 6.45 2.89
C VAL A 40 -2.33 6.15 1.43
N LEU A 41 -2.91 5.08 0.89
CA LEU A 41 -2.68 4.70 -0.49
C LEU A 41 -3.37 5.67 -1.44
N ALA A 42 -4.60 6.06 -1.10
CA ALA A 42 -5.36 7.00 -1.91
C ALA A 42 -4.68 8.36 -1.99
N SER A 43 -3.96 8.70 -0.92
CA SER A 43 -3.26 9.98 -0.85
C SER A 43 -1.91 9.90 -1.57
N LEU A 44 -1.19 8.82 -1.31
CA LEU A 44 0.13 8.62 -1.94
C LEU A 44 -0.01 8.41 -3.44
N ALA A 45 -0.92 7.53 -3.83
CA ALA A 45 -1.15 7.24 -5.24
C ALA A 45 -1.39 8.52 -6.03
N LYS A 46 -2.12 9.45 -5.43
CA LYS A 46 -2.43 10.72 -6.08
C LYS A 46 -1.28 11.72 -5.90
N LYS A 47 -0.41 11.43 -4.94
CA LYS A 47 0.74 12.29 -4.66
C LYS A 47 1.89 12.00 -5.62
N GLY A 48 1.85 10.82 -6.23
CA GLY A 48 2.89 10.42 -7.16
C GLY A 48 3.92 9.52 -6.52
N LYS A 49 3.53 8.84 -5.45
CA LYS A 49 4.43 7.93 -4.74
C LYS A 49 3.93 6.49 -4.84
N LEU A 50 2.65 6.33 -5.14
CA LEU A 50 2.05 5.01 -5.26
C LEU A 50 1.31 4.86 -6.59
N GLN A 51 0.88 3.64 -6.89
CA GLN A 51 0.16 3.38 -8.13
C GLN A 51 -0.90 2.30 -7.92
N LYS A 52 -2.16 2.71 -7.85
CA LYS A 52 -3.26 1.78 -7.64
C LYS A 52 -3.74 1.21 -8.98
N GLU A 53 -3.34 -0.03 -9.27
CA GLU A 53 -3.73 -0.67 -10.52
C GLU A 53 -5.22 -1.01 -10.52
N ALA A 54 -6.03 -0.04 -10.92
CA ALA A 54 -7.47 -0.22 -10.97
C ALA A 54 -7.94 -0.58 -12.38
N GLY A 55 -7.69 -1.82 -12.77
CA GLY A 55 -8.08 -2.28 -14.09
C GLY A 55 -8.27 -3.78 -14.15
N THR A 56 -7.74 -4.40 -15.21
CA THR A 56 -7.85 -5.84 -15.39
C THR A 56 -7.24 -6.59 -14.22
N PRO A 57 -5.91 -6.44 -14.04
CA PRO A 57 -5.18 -7.09 -12.96
C PRO A 57 -5.52 -6.52 -11.59
N PRO A 58 -6.24 -7.30 -10.79
CA PRO A 58 -6.65 -6.88 -9.44
C PRO A 58 -5.48 -6.81 -8.48
N LEU A 59 -4.85 -5.64 -8.38
CA LEU A 59 -3.72 -5.43 -7.49
C LEU A 59 -3.25 -3.98 -7.53
N TRP A 60 -2.28 -3.66 -6.68
CA TRP A 60 -1.75 -2.30 -6.61
C TRP A 60 -0.24 -2.32 -6.47
N LYS A 61 0.42 -1.31 -7.05
CA LYS A 61 1.87 -1.21 -6.99
C LYS A 61 2.30 0.15 -6.44
N ILE A 62 3.59 0.29 -6.15
CA ILE A 62 4.13 1.53 -5.62
C ILE A 62 4.97 2.26 -6.67
N ALA A 63 5.34 3.49 -6.36
CA ALA A 63 6.16 4.29 -7.26
C ALA A 63 7.39 4.85 -6.56
N TYR A 1 8.17 9.28 6.93
CA TYR A 1 7.33 9.87 7.96
C TYR A 1 7.38 9.03 9.23
N GLN A 2 6.70 9.51 10.28
CA GLN A 2 6.66 8.81 11.55
C GLN A 2 6.41 7.32 11.35
N ASP A 3 6.32 6.59 12.45
CA ASP A 3 6.08 5.15 12.40
C ASP A 3 5.21 4.79 11.20
N GLN A 4 4.22 5.64 10.91
CA GLN A 4 3.31 5.41 9.80
C GLN A 4 4.08 4.97 8.55
N GLU A 5 5.14 5.70 8.23
CA GLU A 5 5.96 5.39 7.06
C GLU A 5 6.85 4.19 7.33
N GLN A 6 7.38 4.11 8.55
CA GLN A 6 8.24 3.00 8.92
C GLN A 6 7.52 1.67 8.80
N ARG A 7 6.20 1.70 8.97
CA ARG A 7 5.38 0.48 8.88
C ARG A 7 5.16 0.09 7.43
N ILE A 8 4.58 0.99 6.65
CA ILE A 8 4.31 0.74 5.24
C ILE A 8 5.60 0.45 4.48
N LEU A 9 6.68 1.13 4.87
CA LEU A 9 7.97 0.95 4.23
C LEU A 9 8.50 -0.46 4.47
N LYS A 10 8.49 -0.89 5.73
CA LYS A 10 8.97 -2.21 6.09
C LYS A 10 7.96 -3.29 5.68
N PHE A 11 6.73 -2.86 5.38
CA PHE A 11 5.68 -3.78 4.98
C PHE A 11 5.97 -4.37 3.59
N LEU A 12 6.00 -3.51 2.59
CA LEU A 12 6.26 -3.94 1.22
C LEU A 12 7.72 -4.34 1.05
N GLU A 13 8.57 -3.90 1.98
CA GLU A 13 9.99 -4.21 1.93
C GLU A 13 10.24 -5.68 2.27
N GLU A 14 9.51 -6.18 3.26
CA GLU A 14 9.65 -7.57 3.68
C GLU A 14 9.32 -8.53 2.54
N LEU A 15 8.15 -8.34 1.94
CA LEU A 15 7.71 -9.18 0.84
C LEU A 15 8.60 -8.98 -0.38
N GLY A 16 9.06 -7.74 -0.58
CA GLY A 16 9.91 -7.44 -1.71
C GLY A 16 9.97 -5.95 -2.01
N GLU A 17 11.15 -5.37 -1.91
CA GLU A 17 11.34 -3.95 -2.16
C GLU A 17 11.00 -3.62 -3.61
N GLY A 18 10.21 -2.57 -3.81
CA GLY A 18 9.83 -2.17 -5.15
C GLY A 18 8.80 -3.09 -5.77
N LYS A 19 8.06 -3.80 -4.92
CA LYS A 19 7.04 -4.73 -5.38
C LYS A 19 5.65 -4.13 -5.24
N ALA A 20 4.62 -4.93 -5.51
CA ALA A 20 3.24 -4.48 -5.39
C ALA A 20 2.56 -5.09 -4.17
N THR A 21 1.31 -4.70 -3.94
CA THR A 21 0.56 -5.22 -2.80
C THR A 21 -0.94 -5.21 -3.09
N THR A 22 -1.72 -5.80 -2.19
CA THR A 22 -3.16 -5.87 -2.35
C THR A 22 -3.88 -5.50 -1.06
N ALA A 23 -5.15 -5.13 -1.17
CA ALA A 23 -5.95 -4.76 -0.01
C ALA A 23 -5.86 -5.84 1.07
N HIS A 24 -6.04 -7.09 0.68
CA HIS A 24 -5.98 -8.20 1.63
C HIS A 24 -4.59 -8.32 2.23
N ASP A 25 -3.58 -7.82 1.51
CA ASP A 25 -2.20 -7.88 1.99
C ASP A 25 -1.92 -6.74 2.95
N LEU A 26 -2.26 -5.52 2.53
CA LEU A 26 -2.04 -4.34 3.35
C LEU A 26 -2.93 -4.36 4.59
N SER A 27 -4.24 -4.49 4.36
CA SER A 27 -5.21 -4.52 5.45
C SER A 27 -5.08 -5.81 6.26
N GLY A 28 -4.42 -6.80 5.67
CA GLY A 28 -4.24 -8.07 6.35
C GLY A 28 -2.99 -8.09 7.22
N LYS A 29 -1.85 -7.78 6.62
CA LYS A 29 -0.58 -7.77 7.35
C LYS A 29 -0.57 -6.65 8.40
N LEU A 30 -0.89 -5.44 7.96
CA LEU A 30 -0.92 -4.28 8.85
C LEU A 30 -1.97 -4.47 9.94
N GLY A 31 -2.94 -5.34 9.69
CA GLY A 31 -3.97 -5.59 10.66
C GLY A 31 -4.81 -4.36 10.96
N THR A 32 -4.73 -3.37 10.07
CA THR A 32 -5.47 -2.13 10.23
C THR A 32 -6.78 -2.16 9.44
N PRO A 33 -7.73 -1.30 9.83
CA PRO A 33 -9.04 -1.20 9.17
C PRO A 33 -8.93 -0.60 7.78
N LYS A 34 -9.82 -1.03 6.88
CA LYS A 34 -9.83 -0.53 5.51
C LYS A 34 -9.89 0.99 5.49
N LYS A 35 -10.69 1.57 6.37
CA LYS A 35 -10.83 3.02 6.46
C LYS A 35 -9.47 3.67 6.70
N GLU A 36 -8.53 2.89 7.21
CA GLU A 36 -7.18 3.41 7.49
C GLU A 36 -6.32 3.39 6.23
N ILE A 37 -6.05 2.19 5.72
CA ILE A 37 -5.25 2.03 4.52
C ILE A 37 -5.89 2.72 3.33
N ALA A 38 -7.19 2.95 3.41
CA ALA A 38 -7.93 3.61 2.34
C ALA A 38 -7.72 5.12 2.39
N ARG A 39 -7.36 5.62 3.56
CA ARG A 39 -7.14 7.06 3.73
C ARG A 39 -5.71 7.44 3.36
N VAL A 40 -4.74 6.69 3.90
CA VAL A 40 -3.34 6.95 3.62
C VAL A 40 -3.02 6.71 2.15
N LEU A 41 -3.59 5.64 1.59
CA LEU A 41 -3.36 5.30 0.19
C LEU A 41 -4.00 6.33 -0.73
N ALA A 42 -5.12 6.89 -0.30
CA ALA A 42 -5.83 7.90 -1.08
C ALA A 42 -5.08 9.22 -1.08
N SER A 43 -4.30 9.46 -0.04
CA SER A 43 -3.52 10.69 0.07
C SER A 43 -2.36 10.69 -0.90
N LEU A 44 -1.55 9.64 -0.84
CA LEU A 44 -0.38 9.52 -1.72
C LEU A 44 -0.82 9.36 -3.17
N ALA A 45 -1.76 8.45 -3.41
CA ALA A 45 -2.26 8.20 -4.76
C ALA A 45 -2.62 9.52 -5.46
N LYS A 46 -3.50 10.29 -4.83
CA LYS A 46 -3.93 11.56 -5.39
C LYS A 46 -2.73 12.47 -5.66
N LYS A 47 -1.67 12.28 -4.88
CA LYS A 47 -0.46 13.08 -5.04
C LYS A 47 0.42 12.53 -6.16
N GLY A 48 0.24 11.24 -6.46
CA GLY A 48 1.01 10.61 -7.51
C GLY A 48 2.15 9.77 -6.96
N LYS A 49 1.98 9.30 -5.72
CA LYS A 49 3.00 8.47 -5.07
C LYS A 49 2.63 7.00 -5.14
N LEU A 50 1.35 6.73 -5.38
CA LEU A 50 0.86 5.35 -5.47
C LEU A 50 0.38 5.04 -6.89
N GLN A 51 -0.05 3.79 -7.09
CA GLN A 51 -0.54 3.37 -8.39
C GLN A 51 -1.51 2.19 -8.26
N LYS A 52 -2.45 2.11 -9.18
CA LYS A 52 -3.43 1.03 -9.16
C LYS A 52 -3.35 0.19 -10.43
N GLU A 53 -2.73 -0.98 -10.32
CA GLU A 53 -2.57 -1.87 -11.47
C GLU A 53 -3.92 -2.43 -11.90
N ALA A 54 -4.61 -1.70 -12.77
CA ALA A 54 -5.91 -2.11 -13.27
C ALA A 54 -5.78 -2.83 -14.61
N GLY A 55 -5.30 -4.06 -14.58
CA GLY A 55 -5.13 -4.84 -15.80
C GLY A 55 -5.09 -6.33 -15.54
N THR A 56 -4.14 -7.02 -16.16
CA THR A 56 -4.00 -8.45 -16.00
C THR A 56 -3.87 -8.83 -14.53
N PRO A 57 -2.80 -8.33 -13.88
CA PRO A 57 -2.54 -8.60 -12.47
C PRO A 57 -3.56 -7.92 -11.55
N PRO A 58 -4.44 -8.73 -10.95
CA PRO A 58 -5.48 -8.22 -10.03
C PRO A 58 -4.89 -7.71 -8.72
N LEU A 59 -4.44 -6.46 -8.72
CA LEU A 59 -3.85 -5.87 -7.53
C LEU A 59 -3.36 -4.45 -7.82
N TRP A 60 -2.74 -3.83 -6.82
CA TRP A 60 -2.22 -2.48 -6.97
C TRP A 60 -0.70 -2.48 -7.10
N LYS A 61 -0.11 -1.29 -7.14
CA LYS A 61 1.34 -1.16 -7.26
C LYS A 61 1.82 0.18 -6.72
N ILE A 62 2.97 0.17 -6.07
CA ILE A 62 3.55 1.39 -5.51
C ILE A 62 4.18 2.25 -6.59
N ALA A 63 4.15 3.56 -6.41
CA ALA A 63 4.73 4.49 -7.36
C ALA A 63 5.87 5.28 -6.75
N TYR A 1 10.03 9.73 8.12
CA TYR A 1 9.34 10.33 9.25
C TYR A 1 9.33 9.40 10.46
N GLN A 2 8.77 9.87 11.57
CA GLN A 2 8.68 9.08 12.78
C GLN A 2 8.25 7.65 12.48
N ASP A 3 8.12 6.84 13.52
CA ASP A 3 7.71 5.44 13.36
C ASP A 3 6.74 5.30 12.20
N GLN A 4 5.86 6.28 12.03
CA GLN A 4 4.88 6.26 10.95
C GLN A 4 5.53 5.83 9.64
N GLU A 5 6.66 6.45 9.32
CA GLU A 5 7.36 6.14 8.08
C GLU A 5 8.10 4.80 8.21
N GLN A 6 8.66 4.55 9.38
CA GLN A 6 9.39 3.31 9.62
C GLN A 6 8.47 2.09 9.47
N ARG A 7 7.18 2.30 9.71
CA ARG A 7 6.21 1.23 9.60
C ARG A 7 5.89 0.93 8.14
N ILE A 8 5.47 1.95 7.41
CA ILE A 8 5.14 1.81 6.00
C ILE A 8 6.31 1.24 5.21
N LEU A 9 7.52 1.64 5.60
CA LEU A 9 8.72 1.17 4.93
C LEU A 9 8.92 -0.33 5.14
N LYS A 10 8.81 -0.77 6.39
CA LYS A 10 8.96 -2.18 6.73
C LYS A 10 7.73 -2.98 6.29
N PHE A 11 6.65 -2.27 6.00
CA PHE A 11 5.41 -2.92 5.58
C PHE A 11 5.56 -3.52 4.18
N LEU A 12 5.77 -2.65 3.20
CA LEU A 12 5.93 -3.09 1.82
C LEU A 12 7.26 -3.80 1.62
N GLU A 13 8.18 -3.61 2.57
CA GLU A 13 9.50 -4.23 2.50
C GLU A 13 9.39 -5.74 2.73
N GLU A 14 8.61 -6.12 3.74
CA GLU A 14 8.43 -7.53 4.07
C GLU A 14 7.89 -8.31 2.87
N LEU A 15 6.77 -7.84 2.32
CA LEU A 15 6.16 -8.49 1.17
C LEU A 15 7.08 -8.42 -0.05
N GLY A 16 7.82 -7.32 -0.17
CA GLY A 16 8.73 -7.15 -1.28
C GLY A 16 9.13 -5.70 -1.49
N GLU A 17 10.41 -5.41 -1.32
CA GLU A 17 10.92 -4.06 -1.49
C GLU A 17 10.93 -3.65 -2.96
N GLY A 18 10.08 -2.70 -3.32
CA GLY A 18 10.00 -2.24 -4.69
C GLY A 18 9.07 -3.08 -5.54
N LYS A 19 8.17 -3.80 -4.88
CA LYS A 19 7.20 -4.66 -5.57
C LYS A 19 5.77 -4.18 -5.32
N ALA A 20 4.82 -4.93 -5.85
CA ALA A 20 3.41 -4.57 -5.68
C ALA A 20 2.72 -5.52 -4.70
N THR A 21 1.56 -5.09 -4.19
CA THR A 21 0.81 -5.90 -3.23
C THR A 21 -0.69 -5.78 -3.49
N THR A 22 -1.48 -6.52 -2.70
CA THR A 22 -2.92 -6.50 -2.83
C THR A 22 -3.59 -6.06 -1.54
N ALA A 23 -4.92 -6.01 -1.54
CA ALA A 23 -5.68 -5.62 -0.36
C ALA A 23 -5.63 -6.70 0.71
N HIS A 24 -5.80 -7.95 0.30
CA HIS A 24 -5.77 -9.07 1.22
C HIS A 24 -4.51 -9.04 2.09
N ASP A 25 -3.39 -8.65 1.47
CA ASP A 25 -2.12 -8.57 2.17
C ASP A 25 -2.02 -7.27 2.98
N LEU A 26 -2.66 -6.23 2.47
CA LEU A 26 -2.66 -4.93 3.14
C LEU A 26 -3.27 -5.02 4.53
N SER A 27 -4.56 -5.32 4.58
CA SER A 27 -5.27 -5.45 5.85
C SER A 27 -4.75 -6.63 6.66
N GLY A 28 -4.12 -7.57 5.96
CA GLY A 28 -3.58 -8.75 6.63
C GLY A 28 -2.32 -8.45 7.41
N LYS A 29 -1.36 -7.82 6.74
CA LYS A 29 -0.08 -7.47 7.36
C LYS A 29 -0.22 -6.20 8.18
N LEU A 30 -0.75 -5.15 7.56
CA LEU A 30 -0.93 -3.86 8.23
C LEU A 30 -1.96 -3.98 9.34
N GLY A 31 -2.83 -4.99 9.25
CA GLY A 31 -3.86 -5.18 10.25
C GLY A 31 -4.85 -4.04 10.30
N THR A 32 -4.97 -3.31 9.19
CA THR A 32 -5.88 -2.19 9.11
C THR A 32 -7.16 -2.56 8.37
N PRO A 33 -8.23 -1.79 8.59
CA PRO A 33 -9.53 -2.03 7.94
C PRO A 33 -9.50 -1.72 6.45
N LYS A 34 -10.56 -2.10 5.74
CA LYS A 34 -10.64 -1.87 4.31
C LYS A 34 -10.77 -0.37 4.00
N LYS A 35 -11.58 0.32 4.80
CA LYS A 35 -11.78 1.75 4.62
C LYS A 35 -10.48 2.52 4.86
N GLU A 36 -9.51 1.85 5.47
CA GLU A 36 -8.22 2.47 5.75
C GLU A 36 -7.29 2.36 4.55
N ILE A 37 -6.94 1.12 4.19
CA ILE A 37 -6.06 0.88 3.06
C ILE A 37 -6.60 1.54 1.79
N ALA A 38 -7.91 1.60 1.67
CA ALA A 38 -8.55 2.20 0.51
C ALA A 38 -8.40 3.73 0.53
N ARG A 39 -8.19 4.27 1.72
CA ARG A 39 -8.03 5.72 1.88
C ARG A 39 -6.59 6.14 1.62
N VAL A 40 -5.65 5.42 2.23
CA VAL A 40 -4.23 5.72 2.06
C VAL A 40 -3.82 5.63 0.60
N LEU A 41 -4.39 4.67 -0.11
CA LEU A 41 -4.08 4.48 -1.52
C LEU A 41 -4.54 5.68 -2.35
N ALA A 42 -5.79 6.09 -2.15
CA ALA A 42 -6.34 7.23 -2.87
C ALA A 42 -5.62 8.53 -2.49
N SER A 43 -4.97 8.51 -1.33
CA SER A 43 -4.24 9.69 -0.85
C SER A 43 -2.92 9.84 -1.59
N LEU A 44 -2.12 8.79 -1.60
CA LEU A 44 -0.82 8.81 -2.27
C LEU A 44 -0.99 8.97 -3.78
N ALA A 45 -1.74 8.06 -4.38
CA ALA A 45 -1.99 8.10 -5.82
C ALA A 45 -2.45 9.49 -6.26
N LYS A 46 -3.36 10.08 -5.49
CA LYS A 46 -3.88 11.40 -5.79
C LYS A 46 -2.75 12.41 -5.93
N LYS A 47 -1.62 12.12 -5.28
CA LYS A 47 -0.46 13.01 -5.33
C LYS A 47 0.59 12.46 -6.29
N GLY A 48 0.53 11.17 -6.57
CA GLY A 48 1.49 10.56 -7.47
C GLY A 48 2.59 9.82 -6.74
N LYS A 49 2.25 9.20 -5.62
CA LYS A 49 3.23 8.47 -4.82
C LYS A 49 2.89 6.98 -4.78
N LEU A 50 1.84 6.60 -5.50
CA LEU A 50 1.41 5.21 -5.55
C LEU A 50 0.46 4.97 -6.72
N GLN A 51 0.61 3.81 -7.37
CA GLN A 51 -0.24 3.48 -8.51
C GLN A 51 -1.33 2.49 -8.09
N LYS A 52 -2.51 2.64 -8.70
CA LYS A 52 -3.64 1.77 -8.39
C LYS A 52 -4.02 0.92 -9.61
N GLU A 53 -3.63 -0.35 -9.58
CA GLU A 53 -3.92 -1.26 -10.68
C GLU A 53 -5.35 -1.79 -10.58
N ALA A 54 -6.30 -1.01 -11.10
CA ALA A 54 -7.70 -1.40 -11.07
C ALA A 54 -8.14 -2.02 -12.39
N GLY A 55 -7.71 -3.25 -12.63
CA GLY A 55 -8.05 -3.93 -13.86
C GLY A 55 -8.02 -5.44 -13.72
N THR A 56 -7.44 -6.11 -14.70
CA THR A 56 -7.35 -7.57 -14.67
C THR A 56 -6.61 -8.06 -13.43
N PRO A 57 -5.34 -7.66 -13.29
CA PRO A 57 -4.51 -8.04 -12.14
C PRO A 57 -4.97 -7.38 -10.85
N PRO A 58 -5.54 -8.19 -9.94
CA PRO A 58 -6.03 -7.71 -8.65
C PRO A 58 -4.89 -7.30 -7.71
N LEU A 59 -4.44 -6.06 -7.85
CA LEU A 59 -3.36 -5.54 -7.02
C LEU A 59 -3.06 -4.08 -7.34
N TRP A 60 -2.03 -3.53 -6.71
CA TRP A 60 -1.65 -2.15 -6.93
C TRP A 60 -0.14 -1.98 -6.85
N LYS A 61 0.37 -0.91 -7.44
CA LYS A 61 1.80 -0.63 -7.43
C LYS A 61 2.13 0.51 -6.48
N ILE A 62 3.32 0.44 -5.88
CA ILE A 62 3.76 1.46 -4.95
C ILE A 62 4.76 2.42 -5.60
N ALA A 63 4.60 3.71 -5.33
CA ALA A 63 5.50 4.72 -5.89
C ALA A 63 6.17 5.53 -4.78
N TYR A 1 5.68 9.17 8.48
CA TYR A 1 5.18 9.34 9.83
C TYR A 1 5.97 8.48 10.83
N GLN A 2 5.61 8.58 12.10
CA GLN A 2 6.29 7.81 13.14
C GLN A 2 6.47 6.36 12.71
N ASP A 3 7.05 5.55 13.60
CA ASP A 3 7.29 4.15 13.31
C ASP A 3 6.18 3.57 12.43
N GLN A 4 4.95 4.02 12.68
CA GLN A 4 3.80 3.56 11.92
C GLN A 4 4.11 3.54 10.43
N GLU A 5 4.68 4.63 9.93
CA GLU A 5 5.03 4.73 8.52
C GLU A 5 6.28 3.94 8.20
N GLN A 6 7.22 3.92 9.14
CA GLN A 6 8.47 3.19 8.96
C GLN A 6 8.22 1.69 8.83
N ARG A 7 7.15 1.22 9.49
CA ARG A 7 6.80 -0.19 9.45
C ARG A 7 6.19 -0.56 8.10
N ILE A 8 5.13 0.15 7.73
CA ILE A 8 4.46 -0.10 6.46
C ILE A 8 5.43 -0.01 5.29
N LEU A 9 6.51 0.73 5.49
CA LEU A 9 7.52 0.91 4.45
C LEU A 9 8.42 -0.31 4.35
N LYS A 10 8.82 -0.84 5.51
CA LYS A 10 9.68 -2.01 5.55
C LYS A 10 8.87 -3.29 5.36
N PHE A 11 7.56 -3.18 5.47
CA PHE A 11 6.67 -4.32 5.32
C PHE A 11 6.38 -4.58 3.84
N LEU A 12 5.73 -3.61 3.19
CA LEU A 12 5.40 -3.73 1.78
C LEU A 12 6.66 -3.89 0.93
N GLU A 13 7.78 -3.43 1.45
CA GLU A 13 9.05 -3.52 0.74
C GLU A 13 9.72 -4.87 1.00
N GLU A 14 9.50 -5.40 2.20
CA GLU A 14 10.07 -6.70 2.57
C GLU A 14 9.79 -7.76 1.51
N LEU A 15 8.55 -7.76 1.01
CA LEU A 15 8.15 -8.72 0.00
C LEU A 15 8.84 -8.44 -1.34
N GLY A 16 9.16 -7.17 -1.57
CA GLY A 16 9.83 -6.79 -2.80
C GLY A 16 9.75 -5.30 -3.06
N GLU A 17 10.90 -4.63 -3.00
CA GLU A 17 10.95 -3.19 -3.23
C GLU A 17 10.65 -2.87 -4.70
N GLY A 18 9.63 -2.04 -4.92
CA GLY A 18 9.26 -1.66 -6.27
C GLY A 18 8.29 -2.64 -6.89
N LYS A 19 7.57 -3.38 -6.06
CA LYS A 19 6.60 -4.36 -6.54
C LYS A 19 5.17 -3.89 -6.27
N ALA A 20 4.22 -4.79 -6.48
CA ALA A 20 2.81 -4.46 -6.26
C ALA A 20 2.28 -5.13 -5.00
N THR A 21 1.38 -4.46 -4.31
CA THR A 21 0.79 -4.99 -3.09
C THR A 21 -0.70 -4.67 -3.01
N THR A 22 -1.40 -5.38 -2.12
CA THR A 22 -2.84 -5.17 -1.94
C THR A 22 -3.14 -4.59 -0.58
N ALA A 23 -4.25 -3.86 -0.48
CA ALA A 23 -4.67 -3.25 0.78
C ALA A 23 -4.99 -4.31 1.82
N HIS A 24 -5.74 -5.33 1.41
CA HIS A 24 -6.12 -6.41 2.31
C HIS A 24 -4.90 -6.99 3.02
N ASP A 25 -3.81 -7.14 2.28
CA ASP A 25 -2.58 -7.68 2.83
C ASP A 25 -1.98 -6.74 3.87
N LEU A 26 -1.91 -5.46 3.53
CA LEU A 26 -1.36 -4.45 4.43
C LEU A 26 -2.19 -4.37 5.71
N SER A 27 -3.50 -4.20 5.57
CA SER A 27 -4.40 -4.10 6.70
C SER A 27 -4.45 -5.42 7.47
N GLY A 28 -4.07 -6.51 6.79
CA GLY A 28 -4.08 -7.81 7.42
C GLY A 28 -3.04 -7.94 8.51
N LYS A 29 -1.80 -7.59 8.19
CA LYS A 29 -0.71 -7.66 9.15
C LYS A 29 -0.66 -6.41 10.03
N LEU A 30 -0.86 -5.25 9.40
CA LEU A 30 -0.85 -3.98 10.11
C LEU A 30 -2.04 -3.86 11.05
N GLY A 31 -3.09 -4.64 10.76
CA GLY A 31 -4.28 -4.62 11.60
C GLY A 31 -4.96 -3.26 11.59
N THR A 32 -4.67 -2.46 10.56
CA THR A 32 -5.26 -1.14 10.45
C THR A 32 -6.60 -1.18 9.73
N PRO A 33 -7.43 -0.15 9.93
CA PRO A 33 -8.75 -0.05 9.31
C PRO A 33 -8.66 0.18 7.80
N LYS A 34 -9.43 -0.60 7.05
CA LYS A 34 -9.44 -0.47 5.59
C LYS A 34 -9.72 0.97 5.16
N LYS A 35 -10.61 1.63 5.89
CA LYS A 35 -10.97 3.01 5.59
C LYS A 35 -9.73 3.90 5.61
N GLU A 36 -8.68 3.45 6.29
CA GLU A 36 -7.44 4.20 6.39
C GLU A 36 -6.55 3.92 5.18
N ILE A 37 -6.09 2.68 5.07
CA ILE A 37 -5.22 2.28 3.96
C ILE A 37 -5.89 2.55 2.61
N ALA A 38 -7.22 2.61 2.63
CA ALA A 38 -7.98 2.86 1.40
C ALA A 38 -7.98 4.36 1.06
N ARG A 39 -7.76 5.19 2.07
CA ARG A 39 -7.75 6.64 1.88
C ARG A 39 -6.35 7.11 1.47
N VAL A 40 -5.32 6.50 2.05
CA VAL A 40 -3.95 6.86 1.74
C VAL A 40 -3.55 6.39 0.36
N LEU A 41 -4.07 5.23 -0.03
CA LEU A 41 -3.77 4.65 -1.35
C LEU A 41 -4.39 5.51 -2.46
N ALA A 42 -5.59 6.01 -2.21
CA ALA A 42 -6.29 6.85 -3.19
C ALA A 42 -5.68 8.24 -3.25
N SER A 43 -5.06 8.67 -2.15
CA SER A 43 -4.44 9.98 -2.08
C SER A 43 -3.04 9.96 -2.68
N LEU A 44 -2.27 8.94 -2.33
CA LEU A 44 -0.91 8.79 -2.82
C LEU A 44 -0.90 8.69 -4.35
N ALA A 45 -1.72 7.80 -4.88
CA ALA A 45 -1.80 7.61 -6.33
C ALA A 45 -2.26 8.88 -7.02
N LYS A 46 -2.84 9.79 -6.26
CA LYS A 46 -3.33 11.05 -6.79
C LYS A 46 -2.21 12.07 -6.88
N LYS A 47 -1.32 12.06 -5.90
CA LYS A 47 -0.18 12.98 -5.88
C LYS A 47 0.86 12.58 -6.90
N GLY A 48 0.81 11.33 -7.34
CA GLY A 48 1.77 10.84 -8.31
C GLY A 48 2.89 10.04 -7.69
N LYS A 49 2.64 9.53 -6.48
CA LYS A 49 3.62 8.72 -5.77
C LYS A 49 3.30 7.24 -5.86
N LEU A 50 2.01 6.94 -6.05
CA LEU A 50 1.57 5.55 -6.15
C LEU A 50 0.88 5.30 -7.49
N GLN A 51 0.54 4.04 -7.74
CA GLN A 51 -0.12 3.66 -8.98
C GLN A 51 -1.08 2.50 -8.75
N LYS A 52 -2.38 2.80 -8.78
CA LYS A 52 -3.40 1.78 -8.58
C LYS A 52 -3.64 0.99 -9.86
N GLU A 53 -3.49 -0.33 -9.77
CA GLU A 53 -3.68 -1.21 -10.92
C GLU A 53 -5.10 -1.79 -10.93
N ALA A 54 -6.02 -1.08 -11.57
CA ALA A 54 -7.41 -1.54 -11.64
C ALA A 54 -7.68 -2.25 -12.96
N GLY A 55 -7.19 -3.49 -13.06
CA GLY A 55 -7.39 -4.26 -14.27
C GLY A 55 -7.26 -5.76 -14.04
N THR A 56 -6.54 -6.44 -14.92
CA THR A 56 -6.34 -7.88 -14.80
C THR A 56 -5.78 -8.24 -13.43
N PRO A 57 -4.56 -7.76 -13.14
CA PRO A 57 -3.89 -8.03 -11.86
C PRO A 57 -4.56 -7.31 -10.70
N PRO A 58 -5.21 -8.08 -9.82
CA PRO A 58 -5.90 -7.53 -8.65
C PRO A 58 -4.93 -7.00 -7.61
N LEU A 59 -4.46 -5.78 -7.81
CA LEU A 59 -3.52 -5.15 -6.88
C LEU A 59 -3.05 -3.79 -7.41
N TRP A 60 -2.11 -3.19 -6.71
CA TRP A 60 -1.57 -1.90 -7.11
C TRP A 60 -0.05 -1.86 -6.97
N LYS A 61 0.58 -0.93 -7.65
CA LYS A 61 2.04 -0.78 -7.60
C LYS A 61 2.44 0.63 -7.19
N ILE A 62 3.66 0.77 -6.70
CA ILE A 62 4.17 2.06 -6.27
C ILE A 62 4.60 2.91 -7.47
N ALA A 63 4.90 4.18 -7.21
CA ALA A 63 5.34 5.09 -8.26
C ALA A 63 6.58 5.86 -7.83
N TYR A 1 7.65 9.75 8.82
CA TYR A 1 6.59 10.18 9.73
C TYR A 1 6.41 9.18 10.87
N GLN A 2 5.49 9.47 11.77
CA GLN A 2 5.22 8.61 12.90
C GLN A 2 5.17 7.14 12.47
N ASP A 3 4.92 6.25 13.43
CA ASP A 3 4.85 4.83 13.15
C ASP A 3 4.21 4.58 11.79
N GLN A 4 3.26 5.42 11.42
CA GLN A 4 2.57 5.30 10.14
C GLN A 4 3.58 5.10 9.00
N GLU A 5 4.64 5.89 9.02
CA GLU A 5 5.67 5.80 7.99
C GLU A 5 6.63 4.64 8.27
N GLN A 6 7.04 4.52 9.53
CA GLN A 6 7.95 3.46 9.93
C GLN A 6 7.40 2.09 9.56
N ARG A 7 6.07 1.98 9.57
CA ARG A 7 5.41 0.72 9.24
C ARG A 7 5.24 0.58 7.73
N ILE A 8 4.82 1.66 7.09
CA ILE A 8 4.61 1.67 5.65
C ILE A 8 5.89 1.33 4.90
N LEU A 9 7.01 1.83 5.43
CA LEU A 9 8.31 1.59 4.81
C LEU A 9 8.75 0.14 5.00
N LYS A 10 8.62 -0.35 6.24
CA LYS A 10 8.99 -1.73 6.56
C LYS A 10 8.03 -2.72 5.91
N PHE A 11 6.84 -2.23 5.54
CA PHE A 11 5.83 -3.07 4.91
C PHE A 11 6.25 -3.43 3.49
N LEU A 12 6.53 -2.42 2.68
CA LEU A 12 6.94 -2.63 1.29
C LEU A 12 8.24 -3.44 1.22
N GLU A 13 9.13 -3.19 2.17
CA GLU A 13 10.41 -3.89 2.21
C GLU A 13 10.24 -5.29 2.80
N GLU A 14 9.13 -5.51 3.48
CA GLU A 14 8.84 -6.80 4.09
C GLU A 14 8.39 -7.82 3.03
N LEU A 15 7.96 -7.31 1.88
CA LEU A 15 7.51 -8.16 0.80
C LEU A 15 8.41 -8.01 -0.43
N GLY A 16 8.84 -6.78 -0.68
CA GLY A 16 9.70 -6.51 -1.83
C GLY A 16 9.72 -5.04 -2.21
N GLU A 17 10.90 -4.43 -2.11
CA GLU A 17 11.06 -3.02 -2.44
C GLU A 17 10.97 -2.80 -3.94
N GLY A 18 9.98 -2.03 -4.37
CA GLY A 18 9.81 -1.75 -5.78
C GLY A 18 8.87 -2.73 -6.45
N LYS A 19 8.10 -3.46 -5.64
CA LYS A 19 7.15 -4.43 -6.16
C LYS A 19 5.72 -4.00 -5.86
N ALA A 20 4.76 -4.85 -6.22
CA ALA A 20 3.35 -4.56 -5.99
C ALA A 20 2.79 -5.41 -4.85
N THR A 21 1.71 -4.94 -4.26
CA THR A 21 1.07 -5.65 -3.16
C THR A 21 -0.45 -5.57 -3.25
N THR A 22 -1.13 -6.50 -2.60
CA THR A 22 -2.58 -6.53 -2.60
C THR A 22 -3.14 -6.14 -1.24
N ALA A 23 -4.46 -5.90 -1.19
CA ALA A 23 -5.11 -5.52 0.05
C ALA A 23 -4.98 -6.60 1.11
N HIS A 24 -4.84 -7.85 0.66
CA HIS A 24 -4.69 -8.97 1.57
C HIS A 24 -3.46 -8.80 2.46
N ASP A 25 -2.35 -8.44 1.85
CA ASP A 25 -1.10 -8.25 2.58
C ASP A 25 -1.11 -6.92 3.32
N LEU A 26 -1.79 -5.93 2.75
CA LEU A 26 -1.88 -4.60 3.35
C LEU A 26 -2.57 -4.67 4.71
N SER A 27 -3.83 -5.08 4.72
CA SER A 27 -4.60 -5.19 5.95
C SER A 27 -4.12 -6.36 6.80
N GLY A 28 -3.55 -7.35 6.13
CA GLY A 28 -3.05 -8.52 6.83
C GLY A 28 -1.79 -8.23 7.62
N LYS A 29 -0.92 -7.39 7.06
CA LYS A 29 0.33 -7.03 7.71
C LYS A 29 0.16 -5.78 8.56
N LEU A 30 -0.32 -4.71 7.94
CA LEU A 30 -0.53 -3.45 8.65
C LEU A 30 -1.59 -3.60 9.73
N GLY A 31 -2.43 -4.63 9.59
CA GLY A 31 -3.48 -4.88 10.56
C GLY A 31 -4.54 -3.78 10.56
N THR A 32 -4.60 -3.02 9.48
CA THR A 32 -5.56 -1.94 9.36
C THR A 32 -6.74 -2.34 8.48
N PRO A 33 -7.86 -1.63 8.63
CA PRO A 33 -9.09 -1.90 7.87
C PRO A 33 -8.94 -1.54 6.40
N LYS A 34 -9.82 -2.09 5.56
CA LYS A 34 -9.78 -1.82 4.13
C LYS A 34 -9.97 -0.33 3.84
N LYS A 35 -10.85 0.31 4.61
CA LYS A 35 -11.12 1.72 4.45
C LYS A 35 -9.87 2.55 4.73
N GLU A 36 -8.97 2.00 5.54
CA GLU A 36 -7.73 2.68 5.90
C GLU A 36 -6.69 2.52 4.80
N ILE A 37 -6.28 1.28 4.54
CA ILE A 37 -5.29 1.00 3.52
C ILE A 37 -5.71 1.58 2.17
N ALA A 38 -7.02 1.58 1.91
CA ALA A 38 -7.54 2.11 0.66
C ALA A 38 -7.44 3.63 0.62
N ARG A 39 -7.40 4.25 1.81
CA ARG A 39 -7.31 5.70 1.90
C ARG A 39 -5.85 6.15 1.86
N VAL A 40 -4.97 5.32 2.41
CA VAL A 40 -3.54 5.63 2.44
C VAL A 40 -2.93 5.50 1.05
N LEU A 41 -3.35 4.49 0.31
CA LEU A 41 -2.84 4.26 -1.04
C LEU A 41 -3.48 5.22 -2.03
N ALA A 42 -4.72 5.59 -1.77
CA ALA A 42 -5.45 6.51 -2.64
C ALA A 42 -4.96 7.94 -2.46
N SER A 43 -4.41 8.23 -1.28
CA SER A 43 -3.91 9.57 -0.98
C SER A 43 -2.50 9.76 -1.54
N LEU A 44 -1.69 8.71 -1.43
CA LEU A 44 -0.32 8.77 -1.92
C LEU A 44 -0.29 8.88 -3.45
N ALA A 45 -1.12 8.08 -4.11
CA ALA A 45 -1.20 8.09 -5.56
C ALA A 45 -1.44 9.50 -6.09
N LYS A 46 -2.27 10.26 -5.37
CA LYS A 46 -2.58 11.63 -5.76
C LYS A 46 -1.31 12.47 -5.88
N LYS A 47 -0.27 12.07 -5.16
CA LYS A 47 1.00 12.78 -5.19
C LYS A 47 1.88 12.27 -6.33
N GLY A 48 1.63 11.05 -6.77
CA GLY A 48 2.40 10.47 -7.85
C GLY A 48 3.48 9.52 -7.35
N LYS A 49 3.38 9.15 -6.07
CA LYS A 49 4.35 8.24 -5.47
C LYS A 49 3.78 6.83 -5.35
N LEU A 50 2.53 6.67 -5.78
CA LEU A 50 1.87 5.37 -5.72
C LEU A 50 1.19 5.05 -7.04
N GLN A 51 0.86 3.77 -7.24
CA GLN A 51 0.20 3.33 -8.46
C GLN A 51 -0.74 2.17 -8.17
N LYS A 52 -2.04 2.46 -8.13
CA LYS A 52 -3.05 1.44 -7.87
C LYS A 52 -3.59 0.87 -9.18
N GLU A 53 -3.55 -0.46 -9.30
CA GLU A 53 -4.04 -1.14 -10.50
C GLU A 53 -5.55 -0.99 -10.63
N ALA A 54 -5.98 0.06 -11.32
CA ALA A 54 -7.40 0.31 -11.52
C ALA A 54 -7.96 -0.55 -12.66
N GLY A 55 -8.37 -1.76 -12.32
CA GLY A 55 -8.92 -2.65 -13.33
C GLY A 55 -9.49 -3.92 -12.73
N THR A 56 -9.85 -4.87 -13.59
CA THR A 56 -10.41 -6.14 -13.15
C THR A 56 -9.64 -6.70 -11.95
N PRO A 57 -8.34 -6.97 -12.16
CA PRO A 57 -7.47 -7.51 -11.12
C PRO A 57 -7.17 -6.47 -10.02
N PRO A 58 -7.72 -6.72 -8.82
CA PRO A 58 -7.52 -5.83 -7.68
C PRO A 58 -6.09 -5.86 -7.15
N LEU A 59 -5.28 -4.90 -7.58
CA LEU A 59 -3.89 -4.82 -7.16
C LEU A 59 -3.44 -3.36 -7.05
N TRP A 60 -2.36 -3.14 -6.31
CA TRP A 60 -1.81 -1.80 -6.14
C TRP A 60 -0.32 -1.85 -5.84
N LYS A 61 0.45 -1.14 -6.65
CA LYS A 61 1.91 -1.09 -6.48
C LYS A 61 2.37 0.30 -6.10
N ILE A 62 3.64 0.42 -5.72
CA ILE A 62 4.20 1.71 -5.33
C ILE A 62 4.75 2.46 -6.54
N ALA A 63 5.11 3.72 -6.34
CA ALA A 63 5.65 4.54 -7.41
C ALA A 63 6.78 5.43 -6.91
N TYR A 1 7.01 9.24 10.03
CA TYR A 1 6.85 9.52 11.45
C TYR A 1 7.78 8.64 12.29
N GLN A 2 7.73 8.83 13.59
CA GLN A 2 8.57 8.06 14.51
C GLN A 2 8.56 6.58 14.14
N ASP A 3 9.28 5.77 14.92
CA ASP A 3 9.34 4.34 14.67
C ASP A 3 8.03 3.82 14.10
N GLN A 4 6.93 4.37 14.59
CA GLN A 4 5.60 3.96 14.13
C GLN A 4 5.56 3.85 12.62
N GLU A 5 6.07 4.87 11.94
CA GLU A 5 6.09 4.89 10.48
C GLU A 5 7.18 3.98 9.93
N GLN A 6 8.34 4.00 10.58
CA GLN A 6 9.47 3.18 10.17
C GLN A 6 9.10 1.69 10.20
N ARG A 7 8.20 1.34 11.11
CA ARG A 7 7.76 -0.05 11.23
C ARG A 7 6.84 -0.44 10.09
N ILE A 8 5.75 0.31 9.93
CA ILE A 8 4.78 0.06 8.87
C ILE A 8 5.45 0.10 7.50
N LEU A 9 6.41 1.00 7.34
CA LEU A 9 7.13 1.15 6.07
C LEU A 9 7.92 -0.12 5.75
N LYS A 10 8.66 -0.62 6.73
CA LYS A 10 9.45 -1.83 6.55
C LYS A 10 8.57 -3.07 6.58
N PHE A 11 7.35 -2.91 7.07
CA PHE A 11 6.41 -4.02 7.15
C PHE A 11 5.96 -4.46 5.76
N LEU A 12 5.27 -3.56 5.06
CA LEU A 12 4.78 -3.85 3.71
C LEU A 12 5.93 -3.91 2.72
N GLU A 13 7.07 -3.35 3.11
CA GLU A 13 8.25 -3.34 2.24
C GLU A 13 8.84 -4.74 2.11
N GLU A 14 8.85 -5.48 3.23
CA GLU A 14 9.39 -6.83 3.24
C GLU A 14 8.74 -7.68 2.15
N LEU A 15 7.43 -7.51 1.97
CA LEU A 15 6.69 -8.26 0.97
C LEU A 15 7.22 -7.97 -0.43
N GLY A 16 7.80 -6.79 -0.60
CA GLY A 16 8.34 -6.41 -1.89
C GLY A 16 8.54 -4.92 -2.03
N GLU A 17 9.81 -4.49 -2.02
CA GLU A 17 10.13 -3.07 -2.14
C GLU A 17 9.97 -2.59 -3.57
N GLY A 18 8.98 -1.74 -3.80
CA GLY A 18 8.73 -1.22 -5.14
C GLY A 18 7.94 -2.18 -6.00
N LYS A 19 7.20 -3.08 -5.35
CA LYS A 19 6.39 -4.06 -6.06
C LYS A 19 4.91 -3.71 -5.97
N ALA A 20 4.06 -4.59 -6.50
CA ALA A 20 2.62 -4.38 -6.48
C ALA A 20 1.95 -5.27 -5.45
N THR A 21 0.77 -4.85 -4.99
CA THR A 21 0.02 -5.62 -4.00
C THR A 21 -1.44 -5.16 -3.94
N THR A 22 -2.23 -5.87 -3.15
CA THR A 22 -3.65 -5.53 -2.99
C THR A 22 -3.92 -4.91 -1.63
N ALA A 23 -5.09 -4.28 -1.50
CA ALA A 23 -5.47 -3.64 -0.24
C ALA A 23 -5.90 -4.67 0.79
N HIS A 24 -6.71 -5.63 0.35
CA HIS A 24 -7.19 -6.68 1.24
C HIS A 24 -6.04 -7.33 2.00
N ASP A 25 -4.87 -7.38 1.37
CA ASP A 25 -3.69 -7.96 1.99
C ASP A 25 -3.02 -6.97 2.93
N LEU A 26 -2.84 -5.74 2.45
CA LEU A 26 -2.21 -4.70 3.25
C LEU A 26 -2.98 -4.45 4.54
N SER A 27 -4.31 -4.46 4.43
CA SER A 27 -5.17 -4.24 5.59
C SER A 27 -4.76 -5.13 6.76
N GLY A 28 -4.28 -6.33 6.44
CA GLY A 28 -3.87 -7.26 7.47
C GLY A 28 -2.42 -7.06 7.88
N LYS A 29 -1.60 -6.58 6.95
CA LYS A 29 -0.18 -6.34 7.22
C LYS A 29 0.00 -5.08 8.07
N LEU A 30 -0.53 -3.97 7.59
CA LEU A 30 -0.42 -2.70 8.30
C LEU A 30 -1.29 -2.70 9.55
N GLY A 31 -2.30 -3.58 9.56
CA GLY A 31 -3.19 -3.66 10.70
C GLY A 31 -4.20 -2.53 10.73
N THR A 32 -4.51 -1.98 9.57
CA THR A 32 -5.46 -0.88 9.47
C THR A 32 -6.72 -1.30 8.71
N PRO A 33 -7.81 -0.57 8.93
CA PRO A 33 -9.09 -0.85 8.26
C PRO A 33 -9.06 -0.53 6.77
N LYS A 34 -10.00 -1.09 6.02
CA LYS A 34 -10.08 -0.87 4.58
C LYS A 34 -10.17 0.62 4.28
N LYS A 35 -11.00 1.33 5.02
CA LYS A 35 -11.18 2.76 4.83
C LYS A 35 -9.85 3.50 4.97
N GLU A 36 -8.90 2.86 5.64
CA GLU A 36 -7.58 3.46 5.84
C GLU A 36 -6.73 3.36 4.57
N ILE A 37 -6.42 2.13 4.18
CA ILE A 37 -5.61 1.89 3.00
C ILE A 37 -6.35 2.36 1.73
N ALA A 38 -7.67 2.44 1.83
CA ALA A 38 -8.49 2.88 0.70
C ALA A 38 -8.42 4.39 0.53
N ARG A 39 -8.09 5.09 1.61
CA ARG A 39 -8.00 6.54 1.57
C ARG A 39 -6.61 6.99 1.12
N VAL A 40 -5.58 6.40 1.71
CA VAL A 40 -4.20 6.74 1.36
C VAL A 40 -3.92 6.41 -0.11
N LEU A 41 -4.48 5.31 -0.57
CA LEU A 41 -4.28 4.87 -1.96
C LEU A 41 -4.85 5.89 -2.93
N ALA A 42 -6.07 6.36 -2.64
CA ALA A 42 -6.73 7.34 -3.49
C ALA A 42 -6.01 8.68 -3.45
N SER A 43 -5.27 8.92 -2.36
CA SER A 43 -4.54 10.17 -2.19
C SER A 43 -3.21 10.13 -2.94
N LEU A 44 -2.55 8.98 -2.87
CA LEU A 44 -1.26 8.81 -3.55
C LEU A 44 -1.40 9.02 -5.05
N ALA A 45 -2.45 8.44 -5.63
CA ALA A 45 -2.70 8.56 -7.06
C ALA A 45 -2.71 10.02 -7.48
N LYS A 46 -3.40 10.85 -6.70
CA LYS A 46 -3.49 12.27 -7.00
C LYS A 46 -2.12 12.92 -7.03
N LYS A 47 -1.15 12.27 -6.40
CA LYS A 47 0.22 12.78 -6.35
C LYS A 47 1.10 12.05 -7.36
N GLY A 48 0.65 10.88 -7.81
CA GLY A 48 1.41 10.11 -8.77
C GLY A 48 2.35 9.12 -8.11
N LYS A 49 1.95 8.61 -6.94
CA LYS A 49 2.76 7.64 -6.21
C LYS A 49 2.02 6.32 -6.04
N LEU A 50 0.87 6.21 -6.70
CA LEU A 50 0.06 4.99 -6.62
C LEU A 50 -0.69 4.77 -7.94
N GLN A 51 -0.58 3.56 -8.47
CA GLN A 51 -1.26 3.21 -9.71
C GLN A 51 -2.03 1.91 -9.57
N LYS A 52 -3.28 1.90 -10.03
CA LYS A 52 -4.12 0.72 -9.95
C LYS A 52 -3.93 -0.17 -11.19
N GLU A 53 -3.77 -1.47 -10.95
CA GLU A 53 -3.58 -2.42 -12.05
C GLU A 53 -4.83 -3.28 -12.24
N ALA A 54 -5.72 -2.83 -13.11
CA ALA A 54 -6.95 -3.57 -13.38
C ALA A 54 -6.81 -4.44 -14.63
N GLY A 55 -6.09 -5.55 -14.48
CA GLY A 55 -5.88 -6.45 -15.60
C GLY A 55 -5.54 -7.86 -15.15
N THR A 56 -4.54 -8.45 -15.79
CA THR A 56 -4.12 -9.81 -15.45
C THR A 56 -3.76 -9.92 -13.97
N PRO A 57 -2.75 -9.14 -13.55
CA PRO A 57 -2.29 -9.14 -12.15
C PRO A 57 -3.31 -8.50 -11.21
N PRO A 58 -3.93 -9.35 -10.37
CA PRO A 58 -4.94 -8.89 -9.40
C PRO A 58 -4.32 -8.06 -8.27
N LEU A 59 -4.04 -6.79 -8.56
CA LEU A 59 -3.45 -5.90 -7.57
C LEU A 59 -3.10 -4.54 -8.20
N TRP A 60 -2.45 -3.69 -7.43
CA TRP A 60 -2.06 -2.38 -7.90
C TRP A 60 -0.55 -2.16 -7.74
N LYS A 61 0.01 -1.29 -8.58
CA LYS A 61 1.44 -0.99 -8.52
C LYS A 61 1.69 0.34 -7.83
N ILE A 62 2.75 0.39 -7.02
CA ILE A 62 3.09 1.61 -6.30
C ILE A 62 4.01 2.50 -7.15
N ALA A 63 3.69 3.79 -7.18
CA ALA A 63 4.49 4.74 -7.94
C ALA A 63 5.33 5.63 -7.02
N TYR A 1 7.19 9.66 7.00
CA TYR A 1 6.10 10.21 7.81
C TYR A 1 5.89 9.38 9.07
N GLN A 2 4.95 9.81 9.91
CA GLN A 2 4.65 9.11 11.15
C GLN A 2 4.57 7.61 10.91
N ASP A 3 4.28 6.86 11.98
CA ASP A 3 4.17 5.41 11.89
C ASP A 3 3.62 4.99 10.54
N GLN A 4 2.67 5.77 10.02
CA GLN A 4 2.06 5.47 8.74
C GLN A 4 3.12 5.08 7.70
N GLU A 5 4.18 5.89 7.63
CA GLU A 5 5.27 5.63 6.68
C GLU A 5 6.19 4.53 7.20
N GLN A 6 6.47 4.58 8.50
CA GLN A 6 7.35 3.60 9.13
C GLN A 6 6.85 2.18 8.86
N ARG A 7 5.53 2.02 8.81
CA ARG A 7 4.93 0.71 8.57
C ARG A 7 4.85 0.42 7.07
N ILE A 8 4.43 1.42 6.30
CA ILE A 8 4.31 1.27 4.86
C ILE A 8 5.65 0.90 4.23
N LEU A 9 6.73 1.47 4.76
CA LEU A 9 8.06 1.18 4.25
C LEU A 9 8.51 -0.23 4.62
N LYS A 10 8.32 -0.59 5.88
CA LYS A 10 8.69 -1.91 6.37
C LYS A 10 7.79 -2.99 5.76
N PHE A 11 6.62 -2.58 5.27
CA PHE A 11 5.67 -3.49 4.66
C PHE A 11 6.19 -4.00 3.32
N LEU A 12 6.51 -3.06 2.42
CA LEU A 12 7.01 -3.40 1.10
C LEU A 12 8.32 -4.17 1.20
N GLU A 13 9.15 -3.80 2.17
CA GLU A 13 10.44 -4.44 2.37
C GLU A 13 10.27 -5.79 3.07
N GLU A 14 9.10 -5.97 3.70
CA GLU A 14 8.81 -7.22 4.41
C GLU A 14 8.45 -8.33 3.43
N LEU A 15 8.09 -7.95 2.21
CA LEU A 15 7.72 -8.91 1.18
C LEU A 15 8.71 -8.88 0.03
N GLY A 16 9.20 -7.69 -0.30
CA GLY A 16 10.15 -7.56 -1.38
C GLY A 16 10.27 -6.13 -1.88
N GLU A 17 11.45 -5.54 -1.72
CA GLU A 17 11.68 -4.17 -2.16
C GLU A 17 11.63 -4.06 -3.68
N GLY A 18 10.61 -3.37 -4.19
CA GLY A 18 10.47 -3.21 -5.62
C GLY A 18 9.40 -4.11 -6.20
N LYS A 19 8.52 -4.60 -5.35
CA LYS A 19 7.43 -5.49 -5.78
C LYS A 19 6.08 -4.82 -5.61
N ALA A 20 5.02 -5.55 -5.92
CA ALA A 20 3.66 -5.03 -5.79
C ALA A 20 2.94 -5.66 -4.61
N THR A 21 1.76 -5.15 -4.31
CA THR A 21 0.96 -5.67 -3.19
C THR A 21 -0.52 -5.40 -3.40
N THR A 22 -1.35 -5.97 -2.53
CA THR A 22 -2.80 -5.80 -2.62
C THR A 22 -3.37 -5.26 -1.32
N ALA A 23 -4.62 -4.81 -1.37
CA ALA A 23 -5.29 -4.26 -0.19
C ALA A 23 -5.46 -5.33 0.88
N HIS A 24 -5.96 -6.50 0.48
CA HIS A 24 -6.16 -7.60 1.41
C HIS A 24 -4.89 -7.91 2.19
N ASP A 25 -3.74 -7.73 1.53
CA ASP A 25 -2.45 -7.98 2.15
C ASP A 25 -2.02 -6.80 3.01
N LEU A 26 -2.47 -5.61 2.64
CA LEU A 26 -2.12 -4.40 3.38
C LEU A 26 -2.82 -4.37 4.73
N SER A 27 -4.15 -4.30 4.71
CA SER A 27 -4.94 -4.26 5.92
C SER A 27 -4.71 -5.52 6.76
N GLY A 28 -4.35 -6.61 6.09
CA GLY A 28 -4.10 -7.86 6.78
C GLY A 28 -2.75 -7.88 7.48
N LYS A 29 -1.68 -7.64 6.71
CA LYS A 29 -0.34 -7.63 7.26
C LYS A 29 -0.15 -6.48 8.24
N LEU A 30 -0.53 -5.28 7.80
CA LEU A 30 -0.40 -4.09 8.65
C LEU A 30 -1.30 -4.19 9.87
N GLY A 31 -2.32 -5.04 9.78
CA GLY A 31 -3.24 -5.22 10.89
C GLY A 31 -4.05 -3.96 11.18
N THR A 32 -4.13 -3.07 10.20
CA THR A 32 -4.87 -1.83 10.36
C THR A 32 -6.29 -1.97 9.82
N PRO A 33 -7.18 -1.08 10.28
CA PRO A 33 -8.59 -1.08 9.85
C PRO A 33 -8.75 -0.65 8.39
N LYS A 34 -9.87 -1.04 7.79
CA LYS A 34 -10.14 -0.70 6.39
C LYS A 34 -10.19 0.81 6.20
N LYS A 35 -10.52 1.53 7.27
CA LYS A 35 -10.59 2.98 7.24
C LYS A 35 -9.20 3.60 7.15
N GLU A 36 -8.22 2.91 7.73
CA GLU A 36 -6.84 3.38 7.72
C GLU A 36 -6.20 3.17 6.36
N ILE A 37 -6.09 1.91 5.94
CA ILE A 37 -5.49 1.58 4.66
C ILE A 37 -6.15 2.37 3.53
N ALA A 38 -7.46 2.59 3.66
CA ALA A 38 -8.20 3.34 2.66
C ALA A 38 -7.80 4.81 2.63
N ARG A 39 -7.44 5.33 3.80
CA ARG A 39 -7.03 6.73 3.92
C ARG A 39 -5.70 6.97 3.21
N VAL A 40 -4.69 6.17 3.58
CA VAL A 40 -3.36 6.30 2.97
C VAL A 40 -3.41 6.02 1.48
N LEU A 41 -4.37 5.19 1.06
CA LEU A 41 -4.52 4.85 -0.34
C LEU A 41 -4.94 6.07 -1.17
N ALA A 42 -5.86 6.85 -0.63
CA ALA A 42 -6.34 8.04 -1.31
C ALA A 42 -5.38 9.21 -1.12
N SER A 43 -4.60 9.15 -0.04
CA SER A 43 -3.62 10.20 0.25
C SER A 43 -2.39 10.07 -0.63
N LEU A 44 -1.84 8.87 -0.71
CA LEU A 44 -0.66 8.60 -1.52
C LEU A 44 -0.99 8.73 -3.01
N ALA A 45 -2.08 8.11 -3.42
CA ALA A 45 -2.51 8.17 -4.82
C ALA A 45 -2.56 9.60 -5.33
N LYS A 46 -3.36 10.43 -4.67
CA LYS A 46 -3.50 11.83 -5.06
C LYS A 46 -2.15 12.54 -4.99
N LYS A 47 -1.22 11.99 -4.22
CA LYS A 47 0.10 12.58 -4.08
C LYS A 47 1.03 12.10 -5.20
N GLY A 48 0.70 10.96 -5.79
CA GLY A 48 1.50 10.41 -6.88
C GLY A 48 2.56 9.45 -6.38
N LYS A 49 2.26 8.77 -5.28
CA LYS A 49 3.19 7.81 -4.70
C LYS A 49 2.60 6.40 -4.70
N LEU A 50 1.28 6.33 -4.85
CA LEU A 50 0.59 5.04 -4.87
C LEU A 50 -0.06 4.78 -6.23
N GLN A 51 0.22 3.62 -6.81
CA GLN A 51 -0.34 3.25 -8.10
C GLN A 51 -1.10 1.95 -8.01
N LYS A 52 -2.12 1.80 -8.86
CA LYS A 52 -2.94 0.59 -8.88
C LYS A 52 -3.03 0.01 -10.29
N GLU A 53 -2.42 -1.14 -10.49
CA GLU A 53 -2.42 -1.81 -11.79
C GLU A 53 -3.83 -2.25 -12.17
N ALA A 54 -4.49 -1.46 -13.02
CA ALA A 54 -5.85 -1.77 -13.45
C ALA A 54 -5.84 -2.46 -14.81
N GLY A 55 -5.41 -3.72 -14.83
CA GLY A 55 -5.36 -4.47 -16.07
C GLY A 55 -5.55 -5.96 -15.86
N THR A 56 -4.72 -6.75 -16.52
CA THR A 56 -4.79 -8.21 -16.41
C THR A 56 -4.56 -8.65 -14.96
N PRO A 57 -3.36 -8.36 -14.44
CA PRO A 57 -2.99 -8.72 -13.06
C PRO A 57 -3.76 -7.91 -12.03
N PRO A 58 -4.70 -8.58 -11.33
CA PRO A 58 -5.52 -7.94 -10.30
C PRO A 58 -4.70 -7.59 -9.05
N LEU A 59 -4.14 -6.39 -9.05
CA LEU A 59 -3.34 -5.93 -7.91
C LEU A 59 -2.87 -4.49 -8.12
N TRP A 60 -2.19 -3.96 -7.13
CA TRP A 60 -1.68 -2.59 -7.21
C TRP A 60 -0.18 -2.57 -7.46
N LYS A 61 0.39 -1.37 -7.56
CA LYS A 61 1.83 -1.23 -7.80
C LYS A 61 2.37 0.00 -7.08
N ILE A 62 3.52 -0.16 -6.44
CA ILE A 62 4.15 0.93 -5.70
C ILE A 62 4.57 2.05 -6.65
N ALA A 63 4.22 3.29 -6.29
CA ALA A 63 4.55 4.45 -7.10
C ALA A 63 5.47 5.40 -6.34
N TYR A 1 7.08 9.33 7.65
CA TYR A 1 6.25 9.77 8.76
C TYR A 1 6.54 8.93 10.01
N GLN A 2 5.87 9.27 11.11
CA GLN A 2 6.05 8.54 12.36
C GLN A 2 6.06 7.04 12.13
N ASP A 3 6.20 6.28 13.21
CA ASP A 3 6.23 4.83 13.12
C ASP A 3 5.32 4.33 12.01
N GLN A 4 4.19 5.00 11.82
CA GLN A 4 3.23 4.63 10.79
C GLN A 4 3.94 4.37 9.47
N GLU A 5 4.83 5.26 9.08
CA GLU A 5 5.56 5.13 7.84
C GLU A 5 6.68 4.10 7.97
N GLN A 6 7.35 4.10 9.13
CA GLN A 6 8.43 3.18 9.39
C GLN A 6 7.96 1.73 9.28
N ARG A 7 6.72 1.49 9.70
CA ARG A 7 6.16 0.15 9.64
C ARG A 7 5.86 -0.25 8.19
N ILE A 8 4.96 0.50 7.56
CA ILE A 8 4.59 0.23 6.17
C ILE A 8 5.81 0.19 5.27
N LEU A 9 6.88 0.86 5.70
CA LEU A 9 8.11 0.91 4.93
C LEU A 9 8.87 -0.41 5.02
N LYS A 10 8.88 -1.00 6.21
CA LYS A 10 9.56 -2.27 6.43
C LYS A 10 8.72 -3.43 5.91
N PHE A 11 7.46 -3.16 5.61
CA PHE A 11 6.55 -4.18 5.11
C PHE A 11 6.71 -4.35 3.61
N LEU A 12 6.30 -3.33 2.86
CA LEU A 12 6.39 -3.36 1.40
C LEU A 12 7.81 -3.65 0.95
N GLU A 13 8.78 -3.33 1.81
CA GLU A 13 10.18 -3.56 1.50
C GLU A 13 10.60 -4.97 1.87
N GLU A 14 10.00 -5.50 2.92
CA GLU A 14 10.31 -6.86 3.38
C GLU A 14 10.03 -7.88 2.28
N LEU A 15 8.88 -7.74 1.64
CA LEU A 15 8.49 -8.65 0.57
C LEU A 15 9.27 -8.35 -0.71
N GLY A 16 9.57 -7.08 -0.93
CA GLY A 16 10.31 -6.69 -2.12
C GLY A 16 10.18 -5.20 -2.40
N GLU A 17 11.25 -4.45 -2.12
CA GLU A 17 11.26 -3.01 -2.35
C GLU A 17 11.08 -2.70 -3.83
N GLY A 18 9.94 -2.11 -4.18
CA GLY A 18 9.68 -1.77 -5.56
C GLY A 18 8.67 -2.70 -6.21
N LYS A 19 7.93 -3.44 -5.38
CA LYS A 19 6.94 -4.38 -5.88
C LYS A 19 5.53 -3.91 -5.54
N ALA A 20 4.54 -4.72 -5.90
CA ALA A 20 3.14 -4.39 -5.64
C ALA A 20 2.58 -5.26 -4.53
N THR A 21 1.42 -4.87 -4.01
CA THR A 21 0.77 -5.62 -2.93
C THR A 21 -0.75 -5.51 -3.02
N THR A 22 -1.45 -6.33 -2.25
CA THR A 22 -2.90 -6.32 -2.24
C THR A 22 -3.45 -5.69 -0.97
N ALA A 23 -4.61 -5.06 -1.07
CA ALA A 23 -5.24 -4.41 0.08
C ALA A 23 -5.34 -5.38 1.26
N HIS A 24 -5.74 -6.61 0.97
CA HIS A 24 -5.89 -7.63 2.00
C HIS A 24 -4.53 -8.06 2.54
N ASP A 25 -3.50 -7.89 1.72
CA ASP A 25 -2.14 -8.25 2.12
C ASP A 25 -1.50 -7.15 2.95
N LEU A 26 -1.74 -5.91 2.57
CA LEU A 26 -1.19 -4.76 3.29
C LEU A 26 -2.01 -4.45 4.53
N SER A 27 -3.32 -4.36 4.36
CA SER A 27 -4.23 -4.06 5.47
C SER A 27 -4.24 -5.20 6.47
N GLY A 28 -4.12 -6.43 5.98
CA GLY A 28 -4.12 -7.59 6.85
C GLY A 28 -2.84 -7.70 7.66
N LYS A 29 -1.70 -7.51 6.99
CA LYS A 29 -0.41 -7.59 7.66
C LYS A 29 -0.26 -6.49 8.70
N LEU A 30 -0.81 -5.33 8.40
CA LEU A 30 -0.74 -4.19 9.32
C LEU A 30 -1.86 -4.25 10.35
N GLY A 31 -2.91 -4.99 10.03
CA GLY A 31 -4.03 -5.11 10.94
C GLY A 31 -4.93 -3.89 10.93
N THR A 32 -4.93 -3.17 9.82
CA THR A 32 -5.76 -1.98 9.67
C THR A 32 -7.01 -2.26 8.86
N PRO A 33 -8.03 -1.41 9.02
CA PRO A 33 -9.30 -1.55 8.30
C PRO A 33 -9.16 -1.26 6.80
N LYS A 34 -10.01 -1.90 6.00
CA LYS A 34 -9.97 -1.71 4.55
C LYS A 34 -10.35 -0.27 4.20
N LYS A 35 -11.21 0.34 4.99
CA LYS A 35 -11.64 1.71 4.76
C LYS A 35 -10.47 2.68 4.89
N GLU A 36 -9.47 2.29 5.68
CA GLU A 36 -8.30 3.13 5.88
C GLU A 36 -7.32 2.99 4.72
N ILE A 37 -6.84 1.76 4.51
CA ILE A 37 -5.90 1.50 3.43
C ILE A 37 -6.45 1.97 2.09
N ALA A 38 -7.77 1.98 1.96
CA ALA A 38 -8.42 2.41 0.74
C ALA A 38 -8.40 3.93 0.61
N ARG A 39 -8.40 4.61 1.75
CA ARG A 39 -8.38 6.07 1.76
C ARG A 39 -6.95 6.59 1.68
N VAL A 40 -6.03 5.89 2.31
CA VAL A 40 -4.63 6.29 2.32
C VAL A 40 -4.01 6.12 0.93
N LEU A 41 -4.38 5.04 0.25
CA LEU A 41 -3.86 4.76 -1.08
C LEU A 41 -4.28 5.85 -2.07
N ALA A 42 -5.52 6.30 -1.95
CA ALA A 42 -6.04 7.35 -2.82
C ALA A 42 -5.49 8.72 -2.42
N SER A 43 -5.07 8.84 -1.17
CA SER A 43 -4.53 10.09 -0.67
C SER A 43 -3.05 10.24 -1.04
N LEU A 44 -2.38 9.11 -1.27
CA LEU A 44 -0.98 9.11 -1.63
C LEU A 44 -0.80 9.35 -3.12
N ALA A 45 -1.65 8.70 -3.92
CA ALA A 45 -1.59 8.85 -5.37
C ALA A 45 -1.82 10.29 -5.80
N LYS A 46 -2.38 11.09 -4.89
CA LYS A 46 -2.64 12.49 -5.16
C LYS A 46 -1.39 13.20 -5.68
N LYS A 47 -0.23 12.71 -5.27
CA LYS A 47 1.04 13.29 -5.71
C LYS A 47 1.69 12.43 -6.80
N GLY A 48 1.19 11.21 -6.96
CA GLY A 48 1.72 10.32 -7.96
C GLY A 48 2.71 9.32 -7.38
N LYS A 49 2.89 9.36 -6.07
CA LYS A 49 3.82 8.45 -5.40
C LYS A 49 3.21 7.06 -5.26
N LEU A 50 1.88 6.99 -5.36
CA LEU A 50 1.17 5.71 -5.24
C LEU A 50 0.41 5.41 -6.53
N GLN A 51 0.15 4.13 -6.77
CA GLN A 51 -0.58 3.70 -7.95
C GLN A 51 -1.59 2.62 -7.61
N LYS A 52 -2.69 2.57 -8.36
CA LYS A 52 -3.73 1.59 -8.14
C LYS A 52 -3.96 0.74 -9.39
N GLU A 53 -4.20 -0.55 -9.19
CA GLU A 53 -4.43 -1.47 -10.29
C GLU A 53 -5.81 -2.11 -10.19
N ALA A 54 -6.82 -1.40 -10.69
CA ALA A 54 -8.19 -1.90 -10.65
C ALA A 54 -8.57 -2.53 -11.99
N GLY A 55 -8.06 -3.72 -12.25
CA GLY A 55 -8.37 -4.41 -13.49
C GLY A 55 -8.16 -5.90 -13.40
N THR A 56 -7.51 -6.48 -14.41
CA THR A 56 -7.25 -7.91 -14.44
C THR A 56 -6.50 -8.35 -13.19
N PRO A 57 -5.27 -7.84 -13.02
CA PRO A 57 -4.42 -8.18 -11.88
C PRO A 57 -4.95 -7.58 -10.58
N PRO A 58 -5.45 -8.44 -9.68
CA PRO A 58 -6.00 -8.03 -8.39
C PRO A 58 -4.92 -7.53 -7.44
N LEU A 59 -4.60 -6.25 -7.54
CA LEU A 59 -3.58 -5.64 -6.69
C LEU A 59 -3.40 -4.16 -7.01
N TRP A 60 -2.38 -3.55 -6.41
CA TRP A 60 -2.10 -2.14 -6.63
C TRP A 60 -0.71 -1.95 -7.22
N LYS A 61 -0.29 -0.70 -7.33
CA LYS A 61 1.03 -0.38 -7.88
C LYS A 61 1.70 0.73 -7.07
N ILE A 62 2.99 0.96 -7.33
CA ILE A 62 3.74 1.98 -6.63
C ILE A 62 4.25 3.05 -7.60
N ALA A 63 4.78 4.13 -7.05
CA ALA A 63 5.31 5.22 -7.86
C ALA A 63 5.95 6.30 -6.99
#